data_8V4Y
#
_entry.id   8V4Y
#
loop_
_entity.id
_entity.type
_entity.pdbx_description
1 polymer 'Histone H3.2'
2 polymer 'Histone H4'
3 polymer 'Histone H2A type 1'
4 polymer 'Histone H2B'
5 polymer 'Widom 601 DNA (147-mer) with 60 base pairs flanking DNA (reverse strand)'
6 polymer 'Widom 601 DNA (147-mer) with 60 base pairs flanking DNA (forward strand)'
7 polymer 'SWI/SNF-related matrix-associated actin-dependent regulator of chromatin subfamily A member 5'
8 non-polymer "ADENOSINE-5'-DIPHOSPHATE"
9 non-polymer 'MAGNESIUM ION'
10 non-polymer 'BERYLLIUM TRIFLUORIDE ION'
#
loop_
_entity_poly.entity_id
_entity_poly.type
_entity_poly.pdbx_seq_one_letter_code
_entity_poly.pdbx_strand_id
1 'polypeptide(L)'
;ARTKQTARKSTGGKAPRKQLATKAARKSAPATGGVKKPHRYRPGTVALREIRRYQKSTELLIRKLPFQRLVREIAQDFKT
DLRFQSSAVMALQEASEAYLVALFEDTNLAAIHAKRVTIMPKDIQLARRIRGERA
;
A,E
2 'polypeptide(L)'
;SGRGKGGKGLGKGGAKRHRKVLRDNIQGITKPAIRRLARRGGVKRISGLIYEETRGVLKVFLENVIRDAVTYTEHAKRKT
VTAMDVVYALKRQGRTLYGFGG
;
B,F
3 'polypeptide(L)'
;SGRGKQGGKTRAKAKTRSSRAGLQFPVGRVHRLLRKGNYAERVGAGAPVYLAAVLEYLTAEILELAGNAARDNKKTRIIP
RHLQLAVRNDEELNKLLGRVTIAQGGVLPNIQSVLLPKKTESSKSAKSK
;
C,G
4 'polypeptide(L)'
;AKSAPAPKKGSKKAVTKTQKKDGKKRRKTRKESYAIYVYKVLKQVHPDTGISSKAMSIMNSFVNDVFERIAGEASRLAHY
NKRSTITSREIQTAVRLLLPGELAKHAVSEGTKAVTKYTSAK
;
D,H
5 'polydeoxyribonucleotide'
;(DA)(DG)(DA)(DG)(DT)(DG)(DG)(DG)(DA)(DG)(DC)(DT)(DC)(DG)(DG)(DA)(DA)(DC)(DA)(DC)
(DT)(DA)(DT)(DC)(DC)(DG)(DA)(DC)(DT)(DG)(DG)(DC)(DA)(DC)(DC)(DG)(DG)(DC)(DA)(DA)
(DG)(DG)(DT)(DC)(DG)(DC)(DT)(DG)(DT)(DT)(DC)(DA)(DA)(DT)(DA)(DC)(DA)(DT)(DG)(DC)
(DA)(DC)(DA)(DG)(DG)(DA)(DT)(DG)(DT)(DA)(DT)(DA)(DT)(DA)(DT)(DC)(DT)(DG)(DA)(DC)
(DA)(DC)(DG)(DT)(DG)(DC)(DC)(DT)(DG)(DG)(DA)(DG)(DA)(DC)(DT)(DA)(DG)(DG)(DG)(DA)
(DG)(DT)(DA)(DA)(DT)(DC)(DC)(DC)(DC)(DT)(DT)(DG)(DG)(DC)(DG)(DG)(DT)(DT)(DA)(DA)
(DA)(DA)(DC)(DG)(DC)(DG)(DG)(DG)(DG)(DG)(DA)(DC)(DA)(DG)(DC)(DG)(DC)(DG)(DT)(DA)
(DC)(DG)(DT)(DG)(DC)(DG)(DT)(DT)(DT)(DA)(DA)(DG)(DC)(DG)(DG)(DT)(DG)(DC)(DT)(DA)
(DG)(DA)(DG)(DC)(DT)(DG)(DT)(DC)(DT)(DA)(DC)(DG)(DA)(DC)(DC)(DA)(DA)(DT)(DT)(DG)
(DA)(DG)(DC)(DG)(DG)(DC)(DC)(DT)(DC)(DG)(DG)(DC)(DA)(DC)(DC)(DG)(DG)(DG)(DA)(DT)
(DT)(DC)(DT)(DC)(DC)(DA)(DG)
;
I
6 'polydeoxyribonucleotide'
;(DC)(DT)(DG)(DG)(DA)(DG)(DA)(DA)(DT)(DC)(DC)(DC)(DG)(DG)(DT)(DG)(DC)(DC)(DG)(DA)
(DG)(DG)(DC)(DC)(DG)(DC)(DT)(DC)(DA)(DA)(DT)(DT)(DG)(DG)(DT)(DC)(DG)(DT)(DA)(DG)
(DA)(DC)(DA)(DG)(DC)(DT)(DC)(DT)(DA)(DG)(DC)(DA)(DC)(DC)(DG)(DC)(DT)(DT)(DA)(DA)
(DA)(DC)(DG)(DC)(DA)(DC)(DG)(DT)(DA)(DC)(DG)(DC)(DG)(DC)(DT)(DG)(DT)(DC)(DC)(DC)
(DC)(DC)(DG)(DC)(DG)(DT)(DT)(DT)(DT)(DA)(DA)(DC)(DC)(DG)(DC)(DC)(DA)(DA)(DG)(DG)
(DG)(DG)(DA)(DT)(DT)(DA)(DC)(DT)(DC)(DC)(DC)(DT)(DA)(DG)(DT)(DC)(DT)(DC)(DC)(DA)
(DG)(DG)(DC)(DA)(DC)(DG)(DT)(DG)(DT)(DC)(DA)(DG)(DA)(DT)(DA)(DT)(DA)(DT)(DA)(DC)
(DA)(DT)(DC)(DC)(DT)(DG)(DT)(DG)(DC)(DA)(DT)(DG)(DT)(DA)(DT)(DT)(DG)(DA)(DA)(DC)
(DA)(DG)(DC)(DG)(DA)(DC)(DC)(DT)(DT)(DG)(DC)(DC)(DG)(DG)(DT)(DG)(DC)(DC)(DA)(DG)
(DT)(DC)(DG)(DG)(DA)(DT)(DA)(DG)(DT)(DG)(DT)(DT)(DC)(DC)(DG)(DA)(DG)(DC)(DT)(DC)
(DC)(DC)(DA)(DC)(DT)(DC)(DT)
;
J
7 'polypeptide(L)'
;MSSAAEPPPPPPPESAPSKPAASIASGGSNSSNKGGPEGVAAQAVASAASAGPADAEMEEIFDDASPGKQKEIQEPDPTY
EEKMQTDRANRFEYLLKQTELFAHFIQPAAQKTPTSPLKMKPGRPRIKKDEKQNLLSVGDYRHRRTEQEEDEELLTESSK
ATNVCTRFEDSPSYVKWGKLRDYQVRGLNWLISLYENGINGILADEMGLGKTLQTISLLGYMKHYRNIPGPHMVLVPKST
LHNWMSEFKRWVPTLRSVCLIGDKEQRAAFVRDVLLPGEWDVCVTSYEMLIKEKSVFKKFNWRYLVIDEAHRIKNEKSKL
SEIVREFKTTNRLLLTGTPLQNNLHELWSLLNFLLPDVFNSADDFDSWFDTNNCLGDQKLVERLHMVLRPFLLRRIKADV
EKSLPPKKEVKIYVGLSKMQREWYTRILMKDIDILNSAGKMDKMRLLNILMQLRKCCNHPYLFDGAEPGPPYTTDMHLVT
NSGKMVVLDKLLPKLKEQGSRVLIFSQMTRVLDILEDYCMWRNYEYCRLDGQTPHDERQDSINAYNEPNSTKFVFMLSTR
AGGLGINLATADVVILYDSDWNPQVDLQAMDRAHRIGQTKTVRVFRFITDNTVEERIVERAEMKLRLDSIVIQQGRLVDQ
NLNKIGKDEMLQMIRHGATHVFASKESEITDEDIDGILERGAKKTAEMNEKLSKMGESSLRNFTMDTESSVYNFEGEDYR
EKQKIAFTEWIEPPKRERKANYAVDAYFREALRVSEPKAPKAPRPPKQPNVQDFQFFPPRLFELLEKEILFYRKTIGYKV
PRNPELPNAAQAQKEEQLKIDEAESLNDEELEEKEKLLTQGFTNWNKRDFNQFIKANEKWGRDDIENIAREVEGKTPEEV
IEYSAVFWERCNELQDIEKIMAQIERGEARIQRRISIKKALDTKIGRYKAPFHQLRISYGTNKGKNYTEEEDRFLICMLH
KLGFDKENVYDELRQCIRNSPQFRFDWFLKSRTAMELQRRCNTLITLIERENMELEEKEKAEKKKRGPKPSTQKRKMDGA
PDGRGRKKKLKL
;
W
#
loop_
_chem_comp.id
_chem_comp.type
_chem_comp.name
_chem_comp.formula
ADP non-polymer ADENOSINE-5'-DIPHOSPHATE 'C10 H15 N5 O10 P2'
BEF non-polymer 'BERYLLIUM TRIFLUORIDE ION' 'Be F3 -1'
DA DNA linking 2'-DEOXYADENOSINE-5'-MONOPHOSPHATE 'C10 H14 N5 O6 P'
DC DNA linking 2'-DEOXYCYTIDINE-5'-MONOPHOSPHATE 'C9 H14 N3 O7 P'
DG DNA linking 2'-DEOXYGUANOSINE-5'-MONOPHOSPHATE 'C10 H14 N5 O7 P'
DT DNA linking THYMIDINE-5'-MONOPHOSPHATE 'C10 H15 N2 O8 P'
MG non-polymer 'MAGNESIUM ION' 'Mg 2'
#
# COMPACT_ATOMS: atom_id res chain seq x y z
N HIS A 39 6.35 36.17 -23.28
CA HIS A 39 5.61 36.29 -22.04
C HIS A 39 6.36 35.56 -20.97
N ARG A 40 6.28 36.05 -19.74
CA ARG A 40 6.89 35.37 -18.65
C ARG A 40 6.18 35.76 -17.37
N TYR A 41 5.51 34.82 -16.69
CA TYR A 41 4.89 35.14 -15.40
C TYR A 41 5.94 35.42 -14.32
N ARG A 42 5.59 36.20 -13.31
CA ARG A 42 6.55 36.58 -12.25
C ARG A 42 6.89 35.44 -11.29
N PRO A 43 8.03 35.54 -10.56
CA PRO A 43 8.32 34.48 -9.57
C PRO A 43 7.19 34.31 -8.53
N GLY A 44 6.67 33.10 -8.36
CA GLY A 44 5.59 32.84 -7.42
C GLY A 44 4.18 32.95 -8.00
N THR A 45 3.99 33.52 -9.19
CA THR A 45 2.66 33.58 -9.82
C THR A 45 2.17 32.19 -10.21
N VAL A 46 3.03 31.35 -10.78
CA VAL A 46 2.66 29.98 -11.14
C VAL A 46 2.58 29.10 -9.91
N ALA A 47 3.41 29.35 -8.89
CA ALA A 47 3.38 28.60 -7.64
C ALA A 47 2.01 28.64 -6.95
N LEU A 48 1.33 29.79 -6.90
CA LEU A 48 -0.04 29.87 -6.37
C LEU A 48 -1.05 29.13 -7.23
N ARG A 49 -0.91 29.17 -8.56
CA ARG A 49 -1.75 28.45 -9.50
C ARG A 49 -1.60 26.93 -9.33
N GLU A 50 -0.44 26.42 -9.06
CA GLU A 50 -0.32 25.01 -8.79
C GLU A 50 -0.95 24.67 -7.46
N ILE A 51 -0.83 25.52 -6.46
CA ILE A 51 -1.36 25.21 -5.13
C ILE A 51 -2.83 25.02 -5.24
N ARG A 52 -3.51 25.87 -5.98
CA ARG A 52 -4.94 25.74 -6.19
C ARG A 52 -5.35 24.48 -6.95
N ARG A 53 -4.63 24.10 -7.99
CA ARG A 53 -4.94 22.87 -8.70
C ARG A 53 -4.83 21.65 -7.84
N TYR A 54 -3.68 21.45 -7.23
CA TYR A 54 -3.45 20.26 -6.44
C TYR A 54 -4.35 20.15 -5.24
N GLN A 55 -4.70 21.26 -4.61
CA GLN A 55 -5.64 21.22 -3.49
C GLN A 55 -7.03 20.79 -3.95
N LYS A 56 -7.49 21.20 -5.13
CA LYS A 56 -8.77 20.73 -5.68
C LYS A 56 -8.81 19.25 -6.05
N SER A 57 -7.76 18.72 -6.67
CA SER A 57 -7.72 17.32 -7.08
C SER A 57 -7.68 16.39 -5.91
N THR A 58 -7.94 15.09 -6.11
CA THR A 58 -7.82 14.09 -5.04
C THR A 58 -6.87 12.95 -5.44
N GLU A 59 -6.14 13.09 -6.55
CA GLU A 59 -5.22 12.04 -7.02
C GLU A 59 -3.92 11.77 -6.25
N LEU A 60 -3.30 10.60 -6.44
CA LEU A 60 -1.97 10.32 -5.86
C LEU A 60 -0.88 11.02 -6.68
N LEU A 61 0.09 11.65 -6.00
CA LEU A 61 1.11 12.46 -6.66
C LEU A 61 2.44 11.76 -6.95
N ILE A 62 2.76 10.66 -6.25
CA ILE A 62 3.99 9.91 -6.49
C ILE A 62 3.70 8.85 -7.55
N ARG A 63 4.69 8.49 -8.38
CA ARG A 63 4.53 7.47 -9.38
C ARG A 63 4.43 6.10 -8.74
N LYS A 64 3.66 5.19 -9.31
CA LYS A 64 3.36 3.91 -8.65
C LYS A 64 4.49 2.88 -8.72
N LEU A 65 5.18 2.71 -9.85
CA LEU A 65 6.31 1.80 -9.95
C LEU A 65 7.51 2.22 -9.08
N PRO A 66 7.95 3.49 -9.17
CA PRO A 66 9.04 3.90 -8.30
C PRO A 66 8.79 3.77 -6.80
N PHE A 67 7.53 3.77 -6.37
CA PHE A 67 7.19 3.65 -4.95
C PHE A 67 7.09 2.19 -4.63
N GLN A 68 6.46 1.41 -5.48
CA GLN A 68 6.42 -0.04 -5.27
C GLN A 68 7.81 -0.66 -5.11
N ARG A 69 8.81 -0.24 -5.85
CA ARG A 69 10.16 -0.74 -5.69
C ARG A 69 10.83 -0.38 -4.39
N LEU A 70 10.36 0.65 -3.69
CA LEU A 70 10.94 1.04 -2.43
C LEU A 70 10.29 0.25 -1.30
N VAL A 71 8.97 0.04 -1.36
CA VAL A 71 8.34 -0.80 -0.37
C VAL A 71 9.02 -2.13 -0.31
N ARG A 72 9.30 -2.72 -1.44
CA ARG A 72 9.86 -4.05 -1.49
C ARG A 72 11.25 -4.18 -0.90
N GLU A 73 12.10 -3.22 -1.12
CA GLU A 73 13.41 -3.21 -0.53
C GLU A 73 13.42 -3.10 0.97
N ILE A 74 12.59 -2.26 1.55
CA ILE A 74 12.54 -2.07 2.98
C ILE A 74 12.11 -3.34 3.62
N ALA A 75 11.17 -4.02 3.04
CA ALA A 75 10.68 -5.27 3.56
C ALA A 75 11.68 -6.35 3.57
N GLN A 76 12.55 -6.42 2.58
CA GLN A 76 13.50 -7.52 2.47
C GLN A 76 14.36 -7.58 3.69
N ASP A 77 14.60 -6.46 4.35
CA ASP A 77 15.38 -6.46 5.59
C ASP A 77 14.69 -7.25 6.70
N PHE A 78 13.39 -7.07 6.88
CA PHE A 78 12.62 -7.77 7.91
C PHE A 78 12.35 -9.24 7.69
N LYS A 79 11.98 -9.63 6.49
CA LYS A 79 11.78 -11.03 6.17
C LYS A 79 12.07 -11.08 4.72
N THR A 80 12.44 -12.24 4.20
CA THR A 80 12.84 -12.37 2.83
C THR A 80 11.84 -13.07 1.95
N ASP A 81 11.86 -12.78 0.65
CA ASP A 81 10.96 -13.41 -0.31
C ASP A 81 9.48 -13.24 -0.01
N LEU A 82 8.98 -12.03 0.17
CA LEU A 82 7.55 -11.79 0.38
C LEU A 82 6.84 -11.40 -0.90
N ARG A 83 5.54 -11.63 -0.97
CA ARG A 83 4.75 -11.27 -2.12
C ARG A 83 3.80 -10.31 -1.57
N PHE A 84 3.26 -9.46 -2.40
CA PHE A 84 2.34 -8.44 -1.97
C PHE A 84 1.07 -8.33 -2.75
N GLN A 85 -0.07 -8.25 -2.08
CA GLN A 85 -1.32 -7.96 -2.78
C GLN A 85 -1.24 -6.61 -3.47
N SER A 86 -1.84 -6.48 -4.66
CA SER A 86 -1.86 -5.20 -5.38
C SER A 86 -2.53 -4.08 -4.58
N SER A 87 -3.59 -4.36 -3.83
CA SER A 87 -4.25 -3.41 -2.93
C SER A 87 -3.42 -3.03 -1.69
N ALA A 88 -2.50 -3.87 -1.22
CA ALA A 88 -1.67 -3.57 -0.04
C ALA A 88 -0.68 -2.43 -0.29
N VAL A 89 -0.08 -2.37 -1.48
CA VAL A 89 0.84 -1.28 -1.86
C VAL A 89 0.09 0.04 -2.01
N MET A 90 -1.15 0.03 -2.49
CA MET A 90 -2.00 1.23 -2.54
C MET A 90 -2.41 1.74 -1.16
N ALA A 91 -2.67 0.88 -0.19
CA ALA A 91 -2.89 1.33 1.18
C ALA A 91 -1.65 2.01 1.76
N LEU A 92 -0.46 1.47 1.53
CA LEU A 92 0.80 2.10 1.91
C LEU A 92 0.99 3.45 1.21
N GLN A 93 0.67 3.59 -0.09
CA GLN A 93 0.86 4.87 -0.77
C GLN A 93 -0.12 5.94 -0.31
N GLU A 94 -1.40 5.63 -0.13
CA GLU A 94 -2.38 6.53 0.46
C GLU A 94 -1.96 7.00 1.86
N ALA A 95 -1.56 6.09 2.73
CA ALA A 95 -1.10 6.43 4.08
C ALA A 95 0.17 7.28 4.07
N SER A 96 1.12 7.02 3.15
CA SER A 96 2.36 7.80 3.03
C SER A 96 2.11 9.21 2.54
N GLU A 97 1.35 9.38 1.47
CA GLU A 97 1.06 10.70 0.93
C GLU A 97 0.19 11.53 1.89
N ALA A 98 -0.72 10.92 2.65
CA ALA A 98 -1.49 11.61 3.69
C ALA A 98 -0.59 12.13 4.83
N TYR A 99 0.38 11.33 5.26
CA TYR A 99 1.36 11.70 6.27
C TYR A 99 2.25 12.87 5.83
N LEU A 100 2.79 12.84 4.61
CA LEU A 100 3.66 13.91 4.14
C LEU A 100 2.91 15.22 3.92
N VAL A 101 1.72 15.21 3.31
CA VAL A 101 0.91 16.42 3.15
C VAL A 101 0.62 17.06 4.51
N ALA A 102 0.22 16.30 5.52
CA ALA A 102 -0.04 16.84 6.85
C ALA A 102 1.21 17.41 7.52
N LEU A 103 2.38 16.79 7.37
CA LEU A 103 3.65 17.31 7.87
C LEU A 103 4.08 18.61 7.16
N PHE A 104 3.79 18.77 5.86
CA PHE A 104 4.05 20.01 5.15
C PHE A 104 3.16 21.16 5.61
N GLU A 105 1.94 20.95 6.11
CA GLU A 105 1.17 22.02 6.76
C GLU A 105 1.83 22.53 8.05
N ASP A 106 2.25 21.64 8.95
CA ASP A 106 2.93 22.04 10.19
C ASP A 106 4.27 22.72 9.92
N THR A 107 5.01 22.25 8.92
CA THR A 107 6.24 22.90 8.45
C THR A 107 5.97 24.32 7.95
N ASN A 108 4.85 24.63 7.33
CA ASN A 108 4.64 25.96 6.79
C ASN A 108 4.19 26.93 7.83
N LEU A 109 3.61 26.48 8.93
CA LEU A 109 3.22 27.35 10.01
C LEU A 109 4.43 27.59 10.84
N ALA A 110 5.40 26.71 10.91
CA ALA A 110 6.62 26.94 11.63
C ALA A 110 7.57 27.79 10.89
N ALA A 111 7.31 28.06 9.64
CA ALA A 111 8.17 28.89 8.81
C ALA A 111 7.68 30.27 8.88
N ILE A 112 6.37 30.40 8.86
CA ILE A 112 5.76 31.73 8.91
C ILE A 112 5.92 32.33 10.29
N HIS A 113 6.02 31.50 11.32
CA HIS A 113 6.27 31.98 12.67
C HIS A 113 7.62 32.63 12.78
N ALA A 114 8.60 32.15 12.04
CA ALA A 114 9.93 32.74 12.01
C ALA A 114 10.03 33.83 10.96
N LYS A 115 8.91 34.27 10.45
CA LYS A 115 8.79 35.37 9.47
C LYS A 115 9.44 35.13 8.10
N ARG A 116 9.32 33.93 7.59
CA ARG A 116 9.84 33.57 6.30
C ARG A 116 8.73 32.99 5.49
N VAL A 117 8.85 32.91 4.18
CA VAL A 117 7.90 32.20 3.30
C VAL A 117 8.49 30.89 2.75
N THR A 118 9.81 30.78 2.73
CA THR A 118 10.56 29.60 2.31
C THR A 118 10.62 28.56 3.42
N ILE A 119 10.11 27.34 3.21
CA ILE A 119 10.33 26.25 4.17
C ILE A 119 11.77 25.72 4.10
N MET A 120 12.32 25.29 5.23
CA MET A 120 13.71 24.82 5.39
C MET A 120 13.80 23.57 6.27
N PRO A 121 14.91 22.81 6.26
CA PRO A 121 15.03 21.56 7.03
C PRO A 121 14.76 21.70 8.53
N LYS A 122 15.14 22.84 9.12
CA LYS A 122 14.85 23.12 10.54
C LYS A 122 13.38 23.20 10.92
N ASP A 123 12.50 23.53 9.98
CA ASP A 123 11.07 23.68 10.23
C ASP A 123 10.45 22.33 10.26
N ILE A 124 10.91 21.40 9.45
CA ILE A 124 10.49 20.00 9.50
C ILE A 124 10.88 19.40 10.84
N GLN A 125 12.10 19.65 11.31
CA GLN A 125 12.59 19.14 12.58
C GLN A 125 11.84 19.73 13.79
N LEU A 126 11.44 20.98 13.82
CA LEU A 126 10.62 21.49 14.93
C LEU A 126 9.24 20.91 14.91
N ALA A 127 8.62 20.75 13.76
CA ALA A 127 7.30 20.13 13.69
C ALA A 127 7.34 18.70 14.25
N ARG A 128 8.31 17.87 13.85
CA ARG A 128 8.44 16.49 14.32
C ARG A 128 8.78 16.40 15.80
N ARG A 129 9.46 17.39 16.38
CA ARG A 129 9.76 17.45 17.81
C ARG A 129 8.55 17.84 18.64
N ILE A 130 7.79 18.87 18.29
CA ILE A 130 6.57 19.28 19.02
C ILE A 130 5.48 18.19 18.91
N ARG A 131 5.41 17.46 17.82
CA ARG A 131 4.47 16.36 17.73
C ARG A 131 4.92 15.16 18.56
N GLY A 132 6.17 15.14 19.02
CA GLY A 132 6.69 14.06 19.87
C GLY A 132 7.17 12.82 19.13
N GLU A 133 7.67 12.97 17.90
CA GLU A 133 8.09 11.86 17.03
C GLU A 133 9.41 12.14 16.32
N ALA B 15 29.39 1.06 -24.91
CA ALA B 15 28.92 -0.34 -24.95
C ALA B 15 27.41 -0.41 -24.88
N LYS B 16 26.83 -1.21 -25.74
CA LYS B 16 25.40 -1.36 -25.73
C LYS B 16 25.06 -1.96 -24.40
N ARG B 17 25.88 -2.91 -23.91
CA ARG B 17 25.58 -3.60 -22.66
C ARG B 17 25.48 -2.70 -21.43
N HIS B 18 26.21 -1.59 -21.38
CA HIS B 18 26.25 -0.74 -20.17
C HIS B 18 25.56 0.61 -20.35
N ARG B 19 24.70 0.76 -21.35
CA ARG B 19 24.08 2.07 -21.64
C ARG B 19 23.24 2.59 -20.49
N LYS B 20 22.55 1.71 -19.79
CA LYS B 20 21.67 2.07 -18.68
C LYS B 20 22.39 2.06 -17.32
N VAL B 21 22.04 3.00 -16.45
CA VAL B 21 22.55 3.11 -15.07
C VAL B 21 21.40 3.29 -14.08
N LEU B 22 21.49 2.62 -12.93
CA LEU B 22 20.42 2.48 -11.94
C LEU B 22 20.65 3.37 -10.71
N ARG B 23 19.59 4.00 -10.21
CA ARG B 23 19.71 4.84 -9.04
C ARG B 23 19.25 4.04 -7.86
N ASP B 24 19.41 4.58 -6.66
CA ASP B 24 18.93 3.90 -5.49
C ASP B 24 17.43 4.01 -5.51
N ASN B 25 16.70 3.18 -4.76
CA ASN B 25 15.25 3.20 -4.85
C ASN B 25 14.63 4.38 -4.13
N ILE B 26 15.36 5.01 -3.23
CA ILE B 26 14.87 6.22 -2.55
C ILE B 26 14.77 7.35 -3.57
N GLN B 27 15.69 7.37 -4.53
CA GLN B 27 15.73 8.43 -5.55
C GLN B 27 14.51 8.41 -6.44
N GLY B 28 13.81 7.26 -6.51
CA GLY B 28 12.58 7.17 -7.27
C GLY B 28 11.56 8.18 -6.81
N ILE B 29 11.59 8.59 -5.53
CA ILE B 29 10.71 9.67 -5.05
C ILE B 29 11.43 10.88 -5.62
N THR B 30 10.95 11.43 -6.72
CA THR B 30 11.67 12.52 -7.40
C THR B 30 11.41 13.91 -6.79
N LYS B 31 12.16 14.94 -7.23
CA LYS B 31 11.95 16.29 -6.75
C LYS B 31 10.63 16.78 -7.26
N PRO B 32 10.29 16.60 -8.55
CA PRO B 32 8.94 16.91 -8.98
C PRO B 32 7.82 16.27 -8.15
N ALA B 33 7.98 15.05 -7.67
CA ALA B 33 7.00 14.36 -6.82
C ALA B 33 6.85 14.98 -5.45
N ILE B 34 7.87 15.58 -4.86
CA ILE B 34 7.83 16.19 -3.52
C ILE B 34 7.26 17.57 -3.59
N ARG B 35 7.54 18.29 -4.64
CA ARG B 35 7.01 19.58 -4.82
C ARG B 35 5.52 19.61 -4.90
N ARG B 36 4.87 18.68 -5.57
CA ARG B 36 3.42 18.60 -5.61
C ARG B 36 2.79 18.32 -4.29
N LEU B 37 3.40 17.49 -3.48
CA LEU B 37 2.93 17.23 -2.13
C LEU B 37 2.98 18.44 -1.25
N ALA B 38 4.01 19.25 -1.38
CA ALA B 38 4.11 20.47 -0.66
C ALA B 38 3.15 21.47 -1.23
N ARG B 39 2.90 21.48 -2.53
CA ARG B 39 1.86 22.36 -3.04
C ARG B 39 0.47 21.98 -2.56
N ARG B 40 0.13 20.70 -2.38
CA ARG B 40 -1.16 20.34 -1.80
C ARG B 40 -1.23 20.81 -0.36
N GLY B 41 -0.10 20.86 0.33
CA GLY B 41 -0.03 21.32 1.69
C GLY B 41 0.02 22.81 1.81
N GLY B 42 0.01 23.55 0.71
CA GLY B 42 -0.02 24.99 0.72
C GLY B 42 1.30 25.66 0.88
N VAL B 43 2.39 24.99 0.53
CA VAL B 43 3.73 25.60 0.57
C VAL B 43 4.03 26.33 -0.74
N LYS B 44 4.39 27.60 -0.67
CA LYS B 44 4.72 28.44 -1.83
C LYS B 44 6.18 28.35 -2.31
N ARG B 45 7.17 28.25 -1.42
CA ARG B 45 8.60 28.28 -1.78
C ARG B 45 9.42 27.27 -0.97
N ILE B 46 10.30 26.52 -1.64
CA ILE B 46 10.92 25.31 -1.08
C ILE B 46 12.44 25.39 -1.16
N SER B 47 13.16 25.26 -0.03
CA SER B 47 14.63 25.19 -0.06
C SER B 47 15.18 23.91 -0.68
N GLY B 48 16.31 23.99 -1.38
CA GLY B 48 16.93 22.87 -2.09
C GLY B 48 17.46 21.72 -1.22
N LEU B 49 17.61 21.91 0.09
CA LEU B 49 18.02 20.86 1.04
C LEU B 49 16.86 19.95 1.49
N ILE B 50 15.61 20.29 1.20
CA ILE B 50 14.43 19.57 1.70
C ILE B 50 14.22 18.22 1.02
N TYR B 51 14.75 17.99 -0.16
CA TYR B 51 14.54 16.71 -0.85
C TYR B 51 15.25 15.57 -0.12
N GLU B 52 16.50 15.78 0.30
CA GLU B 52 17.25 14.87 1.17
C GLU B 52 16.56 14.63 2.52
N GLU B 53 16.07 15.68 3.17
CA GLU B 53 15.39 15.61 4.47
C GLU B 53 14.06 14.85 4.39
N THR B 54 13.27 15.10 3.35
CA THR B 54 11.97 14.45 3.15
C THR B 54 12.11 12.96 2.88
N ARG B 55 13.11 12.57 2.10
CA ARG B 55 13.36 11.15 1.84
C ARG B 55 13.70 10.43 3.15
N GLY B 56 14.59 11.00 3.97
CA GLY B 56 14.91 10.42 5.27
C GLY B 56 13.68 10.21 6.14
N VAL B 57 12.78 11.19 6.18
CA VAL B 57 11.53 11.14 6.95
C VAL B 57 10.54 10.09 6.43
N LEU B 58 10.30 10.00 5.13
CA LEU B 58 9.43 8.94 4.59
C LEU B 58 9.98 7.56 4.89
N LYS B 59 11.28 7.36 4.72
CA LYS B 59 11.88 6.05 4.94
C LYS B 59 11.67 5.55 6.36
N VAL B 60 11.78 6.43 7.35
CA VAL B 60 11.49 6.11 8.76
C VAL B 60 10.01 5.79 8.97
N PHE B 61 9.09 6.47 8.29
CA PHE B 61 7.67 6.14 8.34
C PHE B 61 7.39 4.75 7.77
N LEU B 62 7.89 4.44 6.56
CA LEU B 62 7.69 3.15 5.92
C LEU B 62 8.30 2.00 6.72
N GLU B 63 9.48 2.16 7.31
CA GLU B 63 10.08 1.15 8.18
C GLU B 63 9.19 0.75 9.34
N ASN B 64 8.66 1.73 10.09
CA ASN B 64 7.79 1.45 11.23
C ASN B 64 6.45 0.82 10.85
N VAL B 65 5.82 1.19 9.72
CA VAL B 65 4.56 0.55 9.29
C VAL B 65 4.83 -0.86 8.76
N ILE B 66 5.84 -1.04 7.91
CA ILE B 66 6.12 -2.33 7.28
C ILE B 66 6.56 -3.37 8.32
N ARG B 67 7.40 -3.00 9.27
CA ARG B 67 7.87 -3.98 10.24
C ARG B 67 6.68 -4.66 10.91
N ASP B 68 5.67 -3.88 11.29
CA ASP B 68 4.47 -4.44 11.94
C ASP B 68 3.59 -5.23 10.97
N ALA B 69 3.35 -4.68 9.78
CA ALA B 69 2.59 -5.43 8.78
C ALA B 69 3.19 -6.81 8.51
N VAL B 70 4.51 -6.97 8.60
CA VAL B 70 5.16 -8.26 8.44
C VAL B 70 5.04 -9.13 9.68
N THR B 71 4.97 -8.56 10.87
CA THR B 71 4.77 -9.32 12.09
C THR B 71 3.44 -9.98 12.07
N TYR B 72 2.42 -9.28 11.61
CA TYR B 72 1.11 -9.87 11.44
C TYR B 72 1.07 -10.99 10.43
N THR B 73 1.83 -10.86 9.34
CA THR B 73 1.82 -11.86 8.29
C THR B 73 2.49 -13.12 8.75
N GLU B 74 3.60 -12.99 9.47
CA GLU B 74 4.30 -14.14 10.02
C GLU B 74 3.45 -14.89 11.01
N HIS B 75 2.70 -14.18 11.83
CA HIS B 75 1.83 -14.80 12.82
C HIS B 75 0.77 -15.63 12.17
N ALA B 76 0.27 -15.21 11.03
CA ALA B 76 -0.75 -15.95 10.29
C ALA B 76 -0.14 -17.05 9.43
N LYS B 77 1.18 -17.17 9.43
CA LYS B 77 1.87 -18.17 8.63
C LYS B 77 1.63 -18.05 7.14
N ARG B 78 1.68 -16.83 6.62
CA ARG B 78 1.47 -16.56 5.21
C ARG B 78 2.71 -15.89 4.65
N LYS B 79 2.99 -16.06 3.36
CA LYS B 79 4.12 -15.39 2.69
C LYS B 79 3.72 -14.08 1.98
N THR B 80 2.43 -13.86 1.75
CA THR B 80 1.89 -12.67 1.09
C THR B 80 1.45 -11.61 2.09
N VAL B 81 1.91 -10.36 1.97
CA VAL B 81 1.37 -9.22 2.73
C VAL B 81 0.04 -8.81 2.11
N THR B 82 -1.03 -8.75 2.90
CA THR B 82 -2.36 -8.36 2.47
C THR B 82 -2.69 -6.90 2.79
N ALA B 83 -3.77 -6.36 2.23
CA ALA B 83 -4.26 -5.04 2.60
C ALA B 83 -4.65 -4.94 4.08
N MET B 84 -5.23 -5.99 4.68
CA MET B 84 -5.59 -5.98 6.10
C MET B 84 -4.38 -5.89 7.03
N ASP B 85 -3.26 -6.53 6.69
CA ASP B 85 -2.01 -6.42 7.46
C ASP B 85 -1.52 -4.98 7.56
N VAL B 86 -1.67 -4.19 6.50
CA VAL B 86 -1.31 -2.77 6.44
C VAL B 86 -2.30 -1.95 7.24
N VAL B 87 -3.60 -2.20 7.11
CA VAL B 87 -4.64 -1.46 7.84
C VAL B 87 -4.54 -1.65 9.34
N TYR B 88 -4.31 -2.87 9.84
CA TYR B 88 -4.11 -3.11 11.27
C TYR B 88 -2.85 -2.46 11.82
N ALA B 89 -1.74 -2.46 11.09
CA ALA B 89 -0.51 -1.78 11.50
C ALA B 89 -0.70 -0.26 11.63
N LEU B 90 -1.37 0.39 10.67
CA LEU B 90 -1.68 1.81 10.74
C LEU B 90 -2.61 2.13 11.90
N LYS B 91 -3.64 1.31 12.14
CA LYS B 91 -4.58 1.47 13.27
C LYS B 91 -3.88 1.42 14.62
N ARG B 92 -2.97 0.45 14.77
CA ARG B 92 -2.25 0.28 16.04
C ARG B 92 -1.36 1.49 16.32
N GLN B 93 -0.90 2.23 15.33
CA GLN B 93 -0.09 3.44 15.51
C GLN B 93 -0.84 4.76 15.51
N GLY B 94 -2.15 4.74 15.55
CA GLY B 94 -2.95 5.94 15.48
C GLY B 94 -3.08 6.51 14.09
N ARG B 95 -2.94 5.72 13.02
CA ARG B 95 -2.99 6.23 11.63
C ARG B 95 -4.17 5.58 10.93
N THR B 96 -5.32 5.43 11.62
CA THR B 96 -6.52 4.80 11.04
C THR B 96 -6.74 5.15 9.55
N LEU B 97 -6.97 4.16 8.67
CA LEU B 97 -7.25 4.41 7.26
C LEU B 97 -8.63 3.82 6.86
N TYR B 98 -9.49 4.61 6.21
CA TYR B 98 -10.78 4.08 5.71
C TYR B 98 -10.66 3.71 4.23
N GLY B 99 -11.52 2.82 3.73
CA GLY B 99 -11.53 2.47 2.30
C GLY B 99 -10.99 1.10 1.89
N PHE B 100 -9.98 0.57 2.58
CA PHE B 100 -9.35 -0.72 2.23
C PHE B 100 -9.91 -1.93 3.00
N GLY B 101 -11.14 -1.84 3.51
CA GLY B 101 -11.78 -2.85 4.35
C GLY B 101 -11.59 -2.62 5.85
N GLY B 102 -12.10 -3.53 6.67
CA GLY B 102 -12.10 -3.42 8.13
C GLY B 102 -13.03 -2.33 8.65
N ARG C 11 -3.02 -37.78 47.92
CA ARG C 11 -2.63 -36.56 47.17
C ARG C 11 -1.16 -36.22 47.47
N ALA C 12 -0.38 -35.90 46.45
CA ALA C 12 1.01 -35.46 46.61
C ALA C 12 1.14 -34.00 47.10
N LYS C 13 2.29 -33.63 47.67
CA LYS C 13 2.54 -32.27 48.16
C LYS C 13 2.62 -31.25 47.01
N ALA C 14 1.93 -30.12 47.16
CA ALA C 14 1.82 -29.07 46.15
C ALA C 14 3.13 -28.31 45.88
N LYS C 15 3.36 -27.95 44.61
CA LYS C 15 4.46 -27.09 44.15
C LYS C 15 3.92 -25.98 43.25
N THR C 16 3.91 -24.74 43.73
CA THR C 16 3.31 -23.60 43.01
C THR C 16 3.91 -23.43 41.62
N ARG C 17 3.10 -23.15 40.61
CA ARG C 17 3.59 -23.10 39.24
C ARG C 17 4.76 -22.16 38.99
N SER C 18 4.94 -21.11 39.78
CA SER C 18 6.07 -20.23 39.64
C SER C 18 7.35 -20.94 40.02
N SER C 19 7.30 -21.84 41.00
CA SER C 19 8.50 -22.62 41.35
C SER C 19 8.89 -23.59 40.23
N ARG C 20 7.91 -24.11 39.51
CA ARG C 20 8.18 -25.07 38.44
C ARG C 20 8.86 -24.38 37.26
N ALA C 21 8.52 -23.12 37.01
CA ALA C 21 9.08 -22.36 35.92
C ALA C 21 10.29 -21.58 36.34
N GLY C 22 10.48 -21.33 37.63
CA GLY C 22 11.71 -20.73 38.08
C GLY C 22 11.48 -19.27 37.97
N LEU C 23 10.45 -18.77 38.66
CA LEU C 23 10.08 -17.38 38.59
C LEU C 23 9.65 -16.88 39.96
N GLN C 24 9.75 -15.58 40.21
CA GLN C 24 9.31 -14.96 41.47
C GLN C 24 7.91 -14.38 41.41
N PHE C 25 7.46 -13.92 40.24
CA PHE C 25 6.12 -13.38 40.06
C PHE C 25 5.11 -14.51 40.05
N PRO C 26 3.82 -14.25 40.30
CA PRO C 26 2.83 -15.34 40.44
C PRO C 26 2.13 -15.90 39.19
N VAL C 27 2.38 -17.14 38.77
CA VAL C 27 1.76 -17.70 37.59
C VAL C 27 0.30 -17.94 37.79
N GLY C 28 -0.10 -18.41 38.96
CA GLY C 28 -1.47 -18.66 39.25
C GLY C 28 -2.38 -17.48 39.24
N ARG C 29 -1.93 -16.36 39.75
CA ARG C 29 -2.73 -15.17 39.79
C ARG C 29 -2.89 -14.66 38.41
N VAL C 30 -1.85 -14.69 37.59
CA VAL C 30 -1.89 -14.19 36.23
C VAL C 30 -2.88 -14.94 35.41
N HIS C 31 -3.00 -16.23 35.61
CA HIS C 31 -3.98 -17.02 34.93
C HIS C 31 -5.39 -16.63 35.28
N ARG C 32 -5.69 -16.36 36.54
CA ARG C 32 -7.01 -15.90 36.90
C ARG C 32 -7.34 -14.59 36.31
N LEU C 33 -6.41 -13.68 36.31
CA LEU C 33 -6.65 -12.39 35.81
C LEU C 33 -6.96 -12.45 34.36
N LEU C 34 -6.27 -13.27 33.59
CA LEU C 34 -6.58 -13.45 32.18
C LEU C 34 -7.89 -14.12 31.91
N ARG C 35 -8.24 -15.14 32.67
CA ARG C 35 -9.50 -15.85 32.48
C ARG C 35 -10.70 -15.04 32.74
N LYS C 36 -10.64 -14.19 33.74
CA LYS C 36 -11.77 -13.38 34.12
C LYS C 36 -11.72 -11.99 33.51
N GLY C 37 -10.74 -11.66 32.70
CA GLY C 37 -10.63 -10.33 32.14
C GLY C 37 -11.19 -10.09 30.78
N ASN C 38 -11.89 -11.08 30.18
CA ASN C 38 -12.51 -10.97 28.84
C ASN C 38 -11.52 -10.80 27.68
N TYR C 39 -10.36 -11.46 27.77
CA TYR C 39 -9.36 -11.41 26.67
C TYR C 39 -9.59 -12.48 25.62
N ALA C 40 -10.15 -13.63 25.98
CA ALA C 40 -10.43 -14.67 25.00
C ALA C 40 -11.39 -15.72 25.54
N GLU C 41 -12.02 -16.51 24.64
CA GLU C 41 -12.85 -17.62 25.13
C GLU C 41 -12.05 -18.61 25.98
N ARG C 42 -10.83 -18.93 25.55
CA ARG C 42 -9.99 -19.92 26.25
C ARG C 42 -8.62 -19.31 26.46
N VAL C 43 -7.79 -19.94 27.30
CA VAL C 43 -6.43 -19.47 27.55
C VAL C 43 -5.57 -20.68 27.89
N GLY C 44 -4.43 -20.83 27.23
CA GLY C 44 -3.56 -21.97 27.39
C GLY C 44 -2.68 -21.98 28.58
N ALA C 45 -2.08 -23.10 28.94
CA ALA C 45 -1.33 -23.20 30.17
C ALA C 45 0.04 -22.64 30.10
N GLY C 46 0.62 -22.57 28.92
CA GLY C 46 1.92 -21.88 28.75
C GLY C 46 1.82 -20.36 28.71
N ALA C 47 0.63 -19.78 28.53
CA ALA C 47 0.45 -18.34 28.39
C ALA C 47 0.75 -17.56 29.70
N PRO C 48 0.27 -18.01 30.88
CA PRO C 48 0.60 -17.33 32.12
C PRO C 48 2.05 -17.42 32.52
N VAL C 49 2.78 -18.45 32.15
CA VAL C 49 4.21 -18.65 32.38
C VAL C 49 5.04 -17.68 31.55
N TYR C 50 4.72 -17.53 30.27
CA TYR C 50 5.40 -16.58 29.40
C TYR C 50 5.18 -15.15 29.90
N LEU C 51 3.94 -14.77 30.17
CA LEU C 51 3.62 -13.42 30.65
C LEU C 51 4.22 -13.11 32.03
N ALA C 52 4.18 -14.02 32.99
CA ALA C 52 4.84 -13.81 34.28
C ALA C 52 6.36 -13.60 34.14
N ALA C 53 7.03 -14.30 33.23
CA ALA C 53 8.46 -14.11 33.00
C ALA C 53 8.79 -12.72 32.43
N VAL C 54 7.98 -12.20 31.53
CA VAL C 54 8.16 -10.88 30.93
C VAL C 54 7.89 -9.76 31.94
N LEU C 55 6.85 -9.87 32.77
CA LEU C 55 6.57 -8.91 33.84
C LEU C 55 7.69 -8.87 34.89
N GLU C 56 8.33 -9.97 35.17
CA GLU C 56 9.43 -9.98 36.12
C GLU C 56 10.67 -9.45 35.53
N TYR C 57 10.96 -9.74 34.29
CA TYR C 57 12.10 -9.10 33.63
C TYR C 57 12.00 -7.61 33.53
N LEU C 58 10.87 -7.08 33.09
CA LEU C 58 10.68 -5.63 33.02
C LEU C 58 10.75 -4.96 34.39
N THR C 59 10.27 -5.61 35.44
CA THR C 59 10.40 -5.13 36.81
C THR C 59 11.85 -5.05 37.27
N ALA C 60 12.63 -6.10 37.04
CA ALA C 60 14.05 -6.10 37.39
C ALA C 60 14.86 -5.07 36.59
N GLU C 61 14.51 -4.83 35.32
CA GLU C 61 15.12 -3.81 34.46
C GLU C 61 15.00 -2.40 35.06
N ILE C 62 13.83 -2.04 35.60
CA ILE C 62 13.62 -0.74 36.25
C ILE C 62 14.34 -0.66 37.59
N LEU C 63 14.09 -1.61 38.47
CA LEU C 63 14.64 -1.56 39.80
C LEU C 63 16.12 -1.63 39.84
N GLU C 64 16.76 -2.17 38.83
CA GLU C 64 18.20 -2.13 38.78
C GLU C 64 18.74 -0.75 38.63
N LEU C 65 18.12 0.07 37.78
CA LEU C 65 18.63 1.39 37.49
C LEU C 65 18.15 2.32 38.55
N ALA C 66 17.02 2.09 39.15
CA ALA C 66 16.54 2.83 40.31
C ALA C 66 17.48 2.68 41.52
N GLY C 67 17.95 1.50 41.79
CA GLY C 67 18.89 1.23 42.86
C GLY C 67 20.18 1.95 42.69
N ASN C 68 20.58 2.16 41.46
CA ASN C 68 21.83 2.81 41.18
C ASN C 68 21.63 4.28 41.34
N ALA C 69 20.50 4.82 40.92
CA ALA C 69 20.20 6.23 41.19
C ALA C 69 20.09 6.53 42.70
N ALA C 70 19.54 5.63 43.51
CA ALA C 70 19.53 5.79 44.96
C ALA C 70 20.95 5.82 45.54
N ARG C 71 21.85 4.93 45.13
CA ARG C 71 23.24 4.93 45.63
C ARG C 71 24.00 6.14 45.14
N ASP C 72 23.76 6.61 43.93
CA ASP C 72 24.33 7.87 43.46
C ASP C 72 23.92 9.07 44.34
N ASN C 73 22.68 9.13 44.81
CA ASN C 73 22.21 10.11 45.78
C ASN C 73 22.64 9.82 47.24
N LYS C 74 23.41 8.75 47.48
CA LYS C 74 23.90 8.29 48.80
C LYS C 74 22.80 7.92 49.82
N LYS C 75 21.61 7.55 49.35
CA LYS C 75 20.44 7.19 50.19
C LYS C 75 20.08 5.72 50.03
N THR C 76 19.67 5.05 51.10
CA THR C 76 19.47 3.58 51.11
C THR C 76 18.11 3.12 50.58
N ARG C 77 17.12 4.02 50.51
CA ARG C 77 15.77 3.66 50.06
C ARG C 77 15.41 4.27 48.71
N ILE C 78 14.83 3.49 47.82
CA ILE C 78 14.37 4.02 46.52
C ILE C 78 13.15 4.88 46.81
N ILE C 79 13.00 6.03 46.15
CA ILE C 79 11.89 6.94 46.35
C ILE C 79 11.36 7.25 44.97
N PRO C 80 10.19 7.93 44.86
CA PRO C 80 9.62 8.15 43.51
C PRO C 80 10.41 8.98 42.49
N ARG C 81 11.41 9.74 42.91
CA ARG C 81 12.20 10.57 42.00
C ARG C 81 13.23 9.71 41.34
N HIS C 82 13.77 8.75 42.07
CA HIS C 82 14.77 7.85 41.56
C HIS C 82 14.22 7.05 40.40
N LEU C 83 12.97 6.66 40.46
CA LEU C 83 12.32 5.97 39.38
C LEU C 83 12.20 6.84 38.14
N GLN C 84 11.98 8.14 38.28
CA GLN C 84 11.86 9.03 37.14
C GLN C 84 13.20 9.21 36.49
N LEU C 85 14.27 9.25 37.26
CA LEU C 85 15.57 9.53 36.72
C LEU C 85 16.00 8.34 35.98
N ALA C 86 15.62 7.15 36.38
CA ALA C 86 15.91 5.96 35.60
C ALA C 86 15.21 5.80 34.28
N VAL C 87 13.91 6.01 34.25
CA VAL C 87 13.14 5.83 33.04
C VAL C 87 13.51 6.83 32.00
N ARG C 88 13.64 8.08 32.38
CA ARG C 88 13.95 9.15 31.46
C ARG C 88 15.35 9.11 30.89
N ASN C 89 16.31 8.61 31.64
CA ASN C 89 17.70 8.50 31.19
C ASN C 89 17.99 7.27 30.34
N ASP C 90 17.06 6.33 30.18
CA ASP C 90 17.19 5.18 29.28
C ASP C 90 16.26 5.32 28.06
N GLU C 91 16.79 5.19 26.84
CA GLU C 91 16.03 5.44 25.61
C GLU C 91 14.83 4.51 25.41
N GLU C 92 14.96 3.23 25.77
CA GLU C 92 13.89 2.25 25.54
C GLU C 92 12.82 2.32 26.62
N LEU C 93 13.17 2.43 27.90
CA LEU C 93 12.17 2.68 28.92
C LEU C 93 11.46 4.02 28.68
N ASN C 94 12.15 5.07 28.23
CA ASN C 94 11.48 6.32 27.88
C ASN C 94 10.56 6.17 26.65
N LYS C 95 10.85 5.27 25.71
CA LYS C 95 9.94 4.95 24.59
C LYS C 95 8.73 4.10 25.03
N LEU C 96 8.92 3.17 25.95
CA LEU C 96 7.84 2.36 26.52
C LEU C 96 6.89 3.21 27.39
N LEU C 97 7.41 4.12 28.20
CA LEU C 97 6.68 4.95 29.16
C LEU C 97 6.60 6.43 28.73
N GLY C 98 6.54 6.70 27.43
CA GLY C 98 6.60 8.05 26.86
C GLY C 98 5.36 8.92 27.09
N ARG C 99 4.20 8.32 27.32
CA ARG C 99 2.92 8.99 27.64
C ARG C 99 2.52 8.94 29.12
N VAL C 100 3.42 8.58 30.04
CA VAL C 100 3.13 8.41 31.46
C VAL C 100 3.65 9.59 32.29
N THR C 101 2.86 10.06 33.25
CA THR C 101 3.30 10.95 34.36
C THR C 101 3.51 10.12 35.62
N ILE C 102 4.61 10.35 36.36
CA ILE C 102 4.86 9.64 37.61
C ILE C 102 4.76 10.67 38.73
N ALA C 103 3.96 10.38 39.76
CA ALA C 103 3.74 11.34 40.84
C ALA C 103 4.96 11.57 41.71
N GLN C 104 5.21 12.82 42.12
CA GLN C 104 6.44 13.15 42.87
C GLN C 104 7.63 12.84 41.99
N GLY C 105 7.51 13.12 40.69
CA GLY C 105 8.60 12.91 39.76
C GLY C 105 9.03 14.26 39.22
N GLY C 106 10.30 14.60 39.37
CA GLY C 106 10.83 15.88 38.90
C GLY C 106 11.17 15.85 37.43
N VAL C 107 11.51 16.99 36.85
CA VAL C 107 11.94 17.04 35.46
C VAL C 107 13.45 16.81 35.43
N LEU C 108 13.97 16.02 34.49
CA LEU C 108 15.43 15.90 34.38
C LEU C 108 16.09 17.25 34.24
N PRO C 109 17.24 17.49 34.90
CA PRO C 109 17.82 18.84 34.83
C PRO C 109 18.27 19.25 33.42
N ASN C 110 17.91 20.46 32.91
CA ASN C 110 18.14 20.74 31.50
C ASN C 110 17.82 22.21 31.16
N ILE C 111 18.76 22.89 30.51
CA ILE C 111 18.63 24.24 29.94
C ILE C 111 19.10 24.21 28.48
N GLN C 112 18.37 24.84 27.55
CA GLN C 112 18.82 24.98 26.16
C GLN C 112 20.03 25.92 26.08
N SER C 113 21.10 25.55 25.36
CA SER C 113 22.38 26.26 25.45
C SER C 113 22.34 27.72 25.00
N VAL C 114 21.38 28.08 24.16
CA VAL C 114 21.02 29.46 23.79
C VAL C 114 20.79 30.38 25.01
N LEU C 115 20.28 29.83 26.11
CA LEU C 115 19.87 30.57 27.31
C LEU C 115 21.02 30.75 28.33
N LEU C 116 22.09 29.96 28.25
CA LEU C 116 23.23 30.04 29.17
C LEU C 116 24.04 31.34 28.94
N PRO C 117 24.71 31.91 29.97
CA PRO C 117 25.51 33.12 29.83
C PRO C 117 26.75 32.92 28.96
N LYS C 118 27.26 34.01 28.37
CA LYS C 118 28.43 34.02 27.48
C LYS C 118 29.69 33.54 28.20
N ARG D 27 -14.33 -8.45 58.49
CA ARG D 27 -15.12 -7.32 57.93
C ARG D 27 -14.39 -6.60 56.80
N LYS D 28 -13.35 -5.81 57.09
CA LYS D 28 -12.59 -5.03 56.08
C LYS D 28 -11.97 -5.95 55.03
N THR D 29 -12.37 -5.81 53.77
CA THR D 29 -11.95 -6.71 52.68
C THR D 29 -10.49 -6.52 52.27
N ARG D 30 -9.91 -7.60 51.73
CA ARG D 30 -8.55 -7.55 51.27
C ARG D 30 -8.33 -6.89 49.94
N LYS D 31 -7.21 -6.23 49.76
CA LYS D 31 -6.82 -5.64 48.47
C LYS D 31 -5.54 -6.31 47.96
N GLU D 32 -5.59 -6.94 46.79
CA GLU D 32 -4.41 -7.57 46.19
C GLU D 32 -3.42 -6.55 45.59
N SER D 33 -2.13 -6.87 45.57
CA SER D 33 -1.09 -6.06 44.91
C SER D 33 0.15 -6.90 44.54
N TYR D 34 1.06 -6.33 43.75
CA TYR D 34 2.33 -6.98 43.40
C TYR D 34 3.46 -6.75 44.40
N ALA D 35 3.22 -6.03 45.50
CA ALA D 35 4.29 -5.49 46.35
C ALA D 35 5.28 -6.55 46.87
N ILE D 36 4.79 -7.70 47.33
CA ILE D 36 5.67 -8.75 47.84
C ILE D 36 6.52 -9.44 46.80
N TYR D 37 6.18 -9.35 45.53
CA TYR D 37 6.97 -9.89 44.44
C TYR D 37 7.97 -8.82 44.02
N VAL D 38 7.58 -7.57 43.89
CA VAL D 38 8.47 -6.42 43.66
C VAL D 38 9.56 -6.38 44.72
N TYR D 39 9.22 -6.60 46.00
CA TYR D 39 10.22 -6.62 47.07
C TYR D 39 11.20 -7.78 46.93
N LYS D 40 10.74 -8.95 46.55
CA LYS D 40 11.59 -10.11 46.38
C LYS D 40 12.48 -10.06 45.19
N VAL D 41 12.16 -9.24 44.22
CA VAL D 41 12.97 -9.08 43.03
C VAL D 41 13.99 -7.99 43.29
N LEU D 42 13.67 -7.00 44.08
CA LEU D 42 14.65 -5.99 44.43
C LEU D 42 15.75 -6.59 45.19
N LYS D 43 15.45 -7.46 46.13
CA LYS D 43 16.47 -8.03 46.97
C LYS D 43 17.40 -8.85 46.18
N GLN D 44 16.94 -9.45 45.12
CA GLN D 44 17.79 -10.25 44.27
C GLN D 44 18.70 -9.35 43.45
N VAL D 45 18.23 -8.18 43.05
CA VAL D 45 19.05 -7.21 42.31
C VAL D 45 19.99 -6.36 43.14
N HIS D 46 19.52 -5.76 44.21
CA HIS D 46 20.33 -4.93 45.09
C HIS D 46 19.98 -5.42 46.47
N PRO D 47 20.84 -6.22 47.07
CA PRO D 47 20.47 -6.79 48.36
C PRO D 47 20.23 -5.85 49.51
N ASP D 48 20.99 -4.78 49.64
CA ASP D 48 20.89 -3.88 50.79
C ASP D 48 19.92 -2.73 50.67
N THR D 49 19.36 -2.53 49.50
CA THR D 49 18.49 -1.40 49.24
C THR D 49 17.07 -1.60 49.71
N GLY D 50 16.42 -0.57 50.21
CA GLY D 50 14.99 -0.59 50.56
C GLY D 50 14.13 0.21 49.58
N ILE D 51 12.84 0.38 49.83
CA ILE D 51 11.93 1.13 48.94
C ILE D 51 10.81 1.82 49.74
N SER D 52 10.44 3.05 49.43
CA SER D 52 9.35 3.74 50.13
C SER D 52 7.95 3.35 49.62
N SER D 53 6.91 3.55 50.42
CA SER D 53 5.53 3.15 50.11
C SER D 53 4.95 3.82 48.87
N LYS D 54 5.40 5.03 48.52
CA LYS D 54 5.00 5.74 47.31
C LYS D 54 5.66 5.15 46.06
N ALA D 55 6.94 4.80 46.11
CA ALA D 55 7.60 4.07 45.04
C ALA D 55 6.98 2.68 44.83
N MET D 56 6.54 1.99 45.88
CA MET D 56 5.72 0.78 45.74
C MET D 56 4.40 1.01 44.99
N SER D 57 3.63 2.05 45.30
CA SER D 57 2.40 2.39 44.56
C SER D 57 2.66 2.60 43.07
N ILE D 58 3.78 3.22 42.71
CA ILE D 58 4.17 3.43 41.32
C ILE D 58 4.58 2.11 40.65
N MET D 59 5.35 1.24 41.29
CA MET D 59 5.66 -0.08 40.72
C MET D 59 4.42 -0.96 40.54
N ASN D 60 3.49 -0.93 41.48
CA ASN D 60 2.22 -1.64 41.35
C ASN D 60 1.39 -1.10 40.17
N SER D 61 1.45 0.21 39.90
CA SER D 61 0.79 0.81 38.74
C SER D 61 1.45 0.41 37.43
N PHE D 62 2.77 0.39 37.38
CA PHE D 62 3.53 -0.04 36.21
C PHE D 62 3.21 -1.48 35.79
N VAL D 63 3.23 -2.44 36.72
CA VAL D 63 2.94 -3.85 36.40
C VAL D 63 1.55 -4.02 35.81
N ASN D 64 0.55 -3.31 36.35
CA ASN D 64 -0.81 -3.38 35.84
C ASN D 64 -0.98 -2.73 34.47
N ASP D 65 -0.35 -1.59 34.19
CA ASP D 65 -0.34 -0.97 32.86
C ASP D 65 0.25 -1.94 31.82
N VAL D 66 1.42 -2.53 32.08
CA VAL D 66 2.05 -3.43 31.11
C VAL D 66 1.28 -4.74 30.92
N PHE D 67 0.72 -5.33 31.98
CA PHE D 67 -0.21 -6.46 31.84
C PHE D 67 -1.38 -6.15 30.91
N GLU D 68 -2.05 -5.02 31.06
CA GLU D 68 -3.20 -4.65 30.25
C GLU D 68 -2.81 -4.41 28.79
N ARG D 69 -1.65 -3.80 28.50
CA ARG D 69 -1.18 -3.58 27.12
C ARG D 69 -0.92 -4.89 26.40
N ILE D 70 -0.18 -5.82 27.01
CA ILE D 70 0.13 -7.11 26.40
C ILE D 70 -1.14 -7.93 26.20
N ALA D 71 -2.00 -8.04 27.21
CA ALA D 71 -3.24 -8.80 27.08
C ALA D 71 -4.21 -8.22 26.04
N GLY D 72 -4.29 -6.90 25.85
CA GLY D 72 -5.13 -6.31 24.82
C GLY D 72 -4.67 -6.60 23.39
N GLU D 73 -3.37 -6.56 23.12
CA GLU D 73 -2.82 -6.92 21.80
C GLU D 73 -2.95 -8.43 21.53
N ALA D 74 -2.67 -9.28 22.51
CA ALA D 74 -2.83 -10.72 22.39
C ALA D 74 -4.29 -11.10 22.10
N SER D 75 -5.25 -10.36 22.60
CA SER D 75 -6.66 -10.63 22.32
C SER D 75 -7.06 -10.34 20.91
N ARG D 76 -6.66 -9.22 20.38
CA ARG D 76 -6.97 -8.85 19.01
C ARG D 76 -6.38 -9.71 17.96
N LEU D 77 -5.17 -10.18 18.17
CA LEU D 77 -4.46 -10.92 17.19
C LEU D 77 -5.17 -12.21 16.99
N ALA D 78 -5.87 -12.68 17.99
CA ALA D 78 -6.58 -13.94 17.89
C ALA D 78 -7.86 -13.73 17.15
N HIS D 79 -8.55 -12.64 17.38
CA HIS D 79 -9.73 -12.31 16.62
C HIS D 79 -9.45 -12.10 15.16
N TYR D 80 -8.35 -11.43 14.82
CA TYR D 80 -7.99 -11.22 13.44
C TYR D 80 -7.84 -12.53 12.73
N ASN D 81 -7.21 -13.50 13.38
CA ASN D 81 -6.95 -14.81 12.77
C ASN D 81 -8.03 -15.83 13.10
N LYS D 82 -9.14 -15.41 13.70
CA LYS D 82 -10.27 -16.30 14.00
C LYS D 82 -10.02 -17.49 14.86
N ARG D 83 -9.24 -17.34 15.92
CA ARG D 83 -8.95 -18.40 16.87
C ARG D 83 -9.61 -18.00 18.17
N SER D 84 -10.05 -18.95 19.00
CA SER D 84 -10.70 -18.63 20.29
C SER D 84 -9.77 -18.74 21.50
N THR D 85 -8.55 -19.26 21.34
CA THR D 85 -7.58 -19.49 22.42
C THR D 85 -6.42 -18.50 22.38
N ILE D 86 -6.11 -17.84 23.49
CA ILE D 86 -4.81 -17.17 23.71
C ILE D 86 -3.77 -18.20 24.13
N THR D 87 -2.59 -18.16 23.52
CA THR D 87 -1.47 -19.10 23.75
C THR D 87 -0.15 -18.33 23.81
N SER D 88 0.93 -18.97 24.24
CA SER D 88 2.28 -18.37 24.28
C SER D 88 2.71 -17.77 22.94
N ARG D 89 2.31 -18.32 21.81
CA ARG D 89 2.63 -17.72 20.51
C ARG D 89 2.00 -16.35 20.28
N GLU D 90 0.80 -16.10 20.81
CA GLU D 90 0.10 -14.86 20.60
C GLU D 90 0.65 -13.87 21.54
N ILE D 91 1.13 -14.29 22.70
CA ILE D 91 1.83 -13.41 23.63
C ILE D 91 3.20 -13.01 23.10
N GLN D 92 3.95 -13.94 22.52
CA GLN D 92 5.20 -13.64 21.86
C GLN D 92 5.05 -12.60 20.75
N THR D 93 4.06 -12.69 19.89
CA THR D 93 3.84 -11.67 18.90
C THR D 93 3.43 -10.37 19.55
N ALA D 94 2.54 -10.38 20.52
CA ALA D 94 2.17 -9.17 21.23
C ALA D 94 3.37 -8.42 21.81
N VAL D 95 4.32 -9.13 22.42
CA VAL D 95 5.56 -8.57 22.99
C VAL D 95 6.44 -7.90 21.94
N ARG D 96 6.60 -8.51 20.77
CA ARG D 96 7.35 -7.94 19.63
C ARG D 96 6.69 -6.71 19.03
N LEU D 97 5.37 -6.62 19.04
CA LEU D 97 4.66 -5.41 18.61
C LEU D 97 4.80 -4.26 19.62
N LEU D 98 4.67 -4.52 20.93
CA LEU D 98 4.64 -3.48 21.96
C LEU D 98 6.02 -2.98 22.41
N LEU D 99 6.95 -3.89 22.72
CA LEU D 99 8.23 -3.46 23.32
C LEU D 99 9.19 -2.85 22.32
N PRO D 100 10.06 -1.91 22.77
CA PRO D 100 11.10 -1.41 21.85
C PRO D 100 12.02 -2.51 21.37
N GLY D 101 12.97 -2.23 20.49
CA GLY D 101 13.77 -3.29 19.89
C GLY D 101 14.67 -4.19 20.72
N GLU D 102 15.44 -3.65 21.66
CA GLU D 102 16.36 -4.46 22.45
C GLU D 102 15.64 -5.07 23.62
N LEU D 103 14.74 -4.33 24.24
CA LEU D 103 13.93 -4.86 25.33
C LEU D 103 13.17 -6.06 24.84
N ALA D 104 12.67 -6.00 23.62
CA ALA D 104 11.90 -7.11 23.06
C ALA D 104 12.73 -8.36 22.93
N LYS D 105 13.98 -8.22 22.52
CA LYS D 105 14.84 -9.38 22.33
C LYS D 105 15.11 -10.13 23.62
N HIS D 106 15.55 -9.43 24.66
CA HIS D 106 15.86 -10.06 25.92
C HIS D 106 14.65 -10.64 26.53
N ALA D 107 13.54 -9.97 26.43
CA ALA D 107 12.29 -10.44 27.00
C ALA D 107 11.83 -11.69 26.37
N VAL D 108 11.97 -11.78 25.07
CA VAL D 108 11.50 -12.93 24.37
C VAL D 108 12.31 -14.08 24.85
N SER D 109 13.60 -13.93 25.06
CA SER D 109 14.43 -15.01 25.58
C SER D 109 14.07 -15.45 26.96
N GLU D 110 13.71 -14.54 27.83
CA GLU D 110 13.30 -14.86 29.19
C GLU D 110 12.04 -15.65 29.26
N GLY D 111 11.08 -15.36 28.40
CA GLY D 111 9.81 -16.03 28.38
C GLY D 111 9.91 -17.39 27.77
N THR D 112 10.57 -17.52 26.64
CA THR D 112 10.81 -18.87 26.06
C THR D 112 11.64 -19.77 26.97
N LYS D 113 12.61 -19.23 27.72
CA LYS D 113 13.32 -19.97 28.77
C LYS D 113 12.38 -20.48 29.84
N ALA D 114 11.50 -19.64 30.39
CA ALA D 114 10.56 -20.01 31.44
C ALA D 114 9.61 -21.13 31.00
N VAL D 115 9.07 -21.07 29.78
CA VAL D 115 8.20 -22.13 29.25
C VAL D 115 8.97 -23.44 29.05
N THR D 116 10.23 -23.37 28.63
CA THR D 116 11.11 -24.55 28.48
C THR D 116 11.35 -25.25 29.81
N LYS D 117 11.67 -24.48 30.85
CA LYS D 117 11.82 -25.01 32.22
C LYS D 117 10.50 -25.55 32.78
N TYR D 118 9.39 -24.82 32.63
CA TYR D 118 8.09 -25.25 33.14
C TYR D 118 7.62 -26.56 32.51
N THR D 119 7.65 -26.67 31.18
CA THR D 119 7.23 -27.90 30.49
C THR D 119 8.13 -29.11 30.77
N SER D 120 9.36 -28.92 31.27
CA SER D 120 10.20 -30.01 31.80
C SER D 120 9.76 -30.56 33.17
N ALA D 121 8.87 -29.84 33.88
CA ALA D 121 8.52 -30.08 35.29
C ALA D 121 7.01 -30.06 35.60
N LYS D 122 6.13 -29.94 34.60
CA LYS D 122 4.67 -29.98 34.75
C LYS D 122 4.16 -31.37 35.17
N HIS E 39 24.13 45.95 45.97
CA HIS E 39 24.86 44.88 45.28
C HIS E 39 24.26 44.59 43.92
N ARG E 40 23.09 43.98 43.89
CA ARG E 40 22.41 43.69 42.65
C ARG E 40 22.93 42.68 41.64
N TYR E 41 22.30 41.55 41.47
CA TYR E 41 22.73 40.66 40.42
C TYR E 41 22.22 41.26 39.12
N ARG E 42 22.62 40.73 37.98
CA ARG E 42 22.24 41.27 36.67
C ARG E 42 20.96 40.62 36.09
N PRO E 43 20.23 41.30 35.17
CA PRO E 43 18.94 40.78 34.66
C PRO E 43 19.08 39.39 34.05
N GLY E 44 18.41 38.37 34.62
CA GLY E 44 18.51 37.01 34.12
C GLY E 44 19.45 36.10 34.93
N THR E 45 20.31 36.61 35.81
CA THR E 45 21.19 35.73 36.61
C THR E 45 20.39 34.90 37.62
N VAL E 46 19.43 35.49 38.31
CA VAL E 46 18.62 34.78 39.31
C VAL E 46 17.59 33.86 38.62
N ALA E 47 17.16 34.18 37.40
CA ALA E 47 16.34 33.28 36.58
C ALA E 47 16.99 31.92 36.37
N LEU E 48 18.31 31.84 36.18
CA LEU E 48 19.05 30.58 36.07
C LEU E 48 19.09 29.80 37.39
N ARG E 49 19.30 30.45 38.55
CA ARG E 49 19.22 29.77 39.86
C ARG E 49 17.83 29.20 40.12
N GLU E 50 16.80 29.95 39.76
CA GLU E 50 15.41 29.50 39.85
C GLU E 50 15.13 28.31 38.94
N ILE E 51 15.61 28.30 37.69
CA ILE E 51 15.48 27.11 36.84
C ILE E 51 16.13 25.90 37.52
N ARG E 52 17.39 25.99 37.97
CA ARG E 52 18.10 24.87 38.58
C ARG E 52 17.41 24.38 39.86
N ARG E 53 17.03 25.29 40.76
CA ARG E 53 16.34 24.94 42.00
C ARG E 53 15.03 24.20 41.75
N TYR E 54 14.15 24.71 40.89
CA TYR E 54 12.89 24.03 40.57
C TYR E 54 13.05 22.78 39.69
N GLN E 55 14.19 22.60 39.02
CA GLN E 55 14.41 21.41 38.22
C GLN E 55 15.10 20.35 39.06
N LYS E 56 15.40 20.62 40.34
CA LYS E 56 15.93 19.60 41.25
C LYS E 56 14.77 19.04 42.08
N SER E 57 13.94 19.91 42.65
CA SER E 57 12.84 19.49 43.54
C SER E 57 11.66 18.83 42.85
N THR E 58 10.90 18.02 43.60
CA THR E 58 9.68 17.38 43.07
C THR E 58 8.38 17.91 43.77
N GLU E 59 8.45 19.03 44.52
CA GLU E 59 7.26 19.57 45.19
C GLU E 59 6.22 20.06 44.19
N LEU E 60 4.97 20.20 44.63
CA LEU E 60 3.95 20.91 43.86
C LEU E 60 4.17 22.43 43.98
N LEU E 61 4.05 23.18 42.89
CA LEU E 61 4.38 24.61 42.88
C LEU E 61 3.20 25.51 43.06
N ILE E 62 2.04 25.14 42.58
CA ILE E 62 0.84 25.92 42.79
C ILE E 62 0.43 25.67 44.24
N ARG E 63 -0.22 26.61 44.90
CA ARG E 63 -0.61 26.46 46.29
C ARG E 63 -1.83 25.63 46.39
N LYS E 64 -1.90 24.70 47.35
CA LYS E 64 -2.99 23.72 47.37
C LYS E 64 -4.40 24.20 47.60
N LEU E 65 -4.62 25.00 48.63
CA LEU E 65 -5.97 25.46 48.94
C LEU E 65 -6.56 26.27 47.78
N PRO E 66 -5.80 27.25 47.21
CA PRO E 66 -6.39 27.92 46.08
C PRO E 66 -6.83 27.05 44.92
N PHE E 67 -6.22 25.90 44.68
CA PHE E 67 -6.49 25.03 43.54
C PHE E 67 -7.66 24.20 43.88
N GLN E 68 -7.79 23.83 45.12
CA GLN E 68 -8.99 23.11 45.56
C GLN E 68 -10.28 23.91 45.32
N ARG E 69 -10.29 25.22 45.57
CA ARG E 69 -11.45 26.07 45.25
C ARG E 69 -11.72 26.15 43.74
N LEU E 70 -10.68 26.28 42.92
CA LEU E 70 -10.83 26.25 41.46
C LEU E 70 -11.47 24.94 40.96
N VAL E 71 -11.01 23.79 41.45
CA VAL E 71 -11.55 22.50 41.01
C VAL E 71 -13.04 22.42 41.32
N ARG E 72 -13.40 22.76 42.56
CA ARG E 72 -14.80 22.67 42.99
C ARG E 72 -15.72 23.61 42.20
N GLU E 73 -15.22 24.81 41.90
CA GLU E 73 -16.02 25.77 41.14
C GLU E 73 -16.36 25.17 39.78
N ILE E 74 -15.38 24.53 39.15
CA ILE E 74 -15.60 23.91 37.83
C ILE E 74 -16.64 22.79 37.93
N ALA E 75 -16.56 22.01 39.01
CA ALA E 75 -17.48 20.87 39.18
C ALA E 75 -18.98 21.25 39.26
N GLN E 76 -19.32 22.45 39.75
CA GLN E 76 -20.72 22.89 39.84
C GLN E 76 -21.39 23.06 38.47
N ASP E 77 -20.64 23.29 37.40
CA ASP E 77 -21.21 23.35 36.05
C ASP E 77 -21.75 21.99 35.57
N PHE E 78 -21.27 20.89 36.15
CA PHE E 78 -21.62 19.53 35.74
C PHE E 78 -22.62 18.86 36.68
N LYS E 79 -22.47 19.01 38.00
CA LYS E 79 -23.42 18.51 39.02
C LYS E 79 -23.26 19.29 40.34
N THR E 80 -24.36 19.57 41.01
CA THR E 80 -24.36 20.25 42.32
C THR E 80 -24.13 19.29 43.49
N ASP E 81 -23.54 19.80 44.57
CA ASP E 81 -23.31 19.10 45.85
C ASP E 81 -22.46 17.82 45.76
N LEU E 82 -21.49 17.80 44.86
CA LEU E 82 -20.42 16.79 44.86
C LEU E 82 -19.53 16.99 46.08
N ARG E 83 -19.07 15.86 46.66
CA ARG E 83 -18.13 15.90 47.77
C ARG E 83 -16.90 15.40 47.06
N PHE E 84 -15.75 15.34 47.73
CA PHE E 84 -14.52 14.96 47.04
C PHE E 84 -13.51 14.25 47.94
N GLN E 85 -12.90 13.17 47.45
CA GLN E 85 -11.81 12.56 48.23
C GLN E 85 -10.60 13.48 48.23
N SER E 86 -9.82 13.53 49.31
CA SER E 86 -8.67 14.43 49.40
C SER E 86 -7.60 14.11 48.37
N SER E 87 -7.36 12.83 48.11
CA SER E 87 -6.41 12.35 47.10
C SER E 87 -6.90 12.54 45.66
N ALA E 88 -8.20 12.73 45.42
CA ALA E 88 -8.71 13.05 44.10
C ALA E 88 -8.29 14.46 43.68
N VAL E 89 -8.25 15.41 44.61
CA VAL E 89 -7.72 16.75 44.34
C VAL E 89 -6.20 16.72 44.11
N MET E 90 -5.43 15.92 44.85
CA MET E 90 -4.00 15.77 44.61
C MET E 90 -3.69 15.10 43.27
N ALA E 91 -4.48 14.12 42.84
CA ALA E 91 -4.37 13.54 41.51
C ALA E 91 -4.63 14.56 40.41
N LEU E 92 -5.64 15.43 40.56
CA LEU E 92 -5.87 16.53 39.65
C LEU E 92 -4.71 17.53 39.65
N GLN E 93 -4.08 17.84 40.76
CA GLN E 93 -2.99 18.81 40.79
C GLN E 93 -1.74 18.27 40.17
N GLU E 94 -1.37 17.05 40.49
CA GLU E 94 -0.23 16.40 39.86
C GLU E 94 -0.35 16.36 38.33
N ALA E 95 -1.50 15.95 37.80
CA ALA E 95 -1.74 15.94 36.37
C ALA E 95 -1.72 17.34 35.74
N SER E 96 -2.24 18.35 36.43
CA SER E 96 -2.31 19.72 35.93
C SER E 96 -0.95 20.40 35.87
N GLU E 97 -0.10 20.26 36.89
CA GLU E 97 1.23 20.82 36.86
C GLU E 97 2.12 20.09 35.86
N ALA E 98 2.00 18.78 35.69
CA ALA E 98 2.72 18.04 34.68
C ALA E 98 2.40 18.49 33.24
N TYR E 99 1.13 18.77 32.94
CA TYR E 99 0.69 19.31 31.65
C TYR E 99 1.27 20.70 31.39
N LEU E 100 1.17 21.65 32.34
CA LEU E 100 1.70 23.00 32.12
C LEU E 100 3.21 23.03 31.94
N VAL E 101 3.96 22.30 32.76
CA VAL E 101 5.43 22.26 32.60
C VAL E 101 5.81 21.76 31.20
N ALA E 102 5.19 20.69 30.70
CA ALA E 102 5.47 20.16 29.38
C ALA E 102 5.09 21.11 28.23
N LEU E 103 4.00 21.85 28.36
CA LEU E 103 3.61 22.85 27.38
C LEU E 103 4.60 24.01 27.33
N PHE E 104 5.08 24.49 28.49
CA PHE E 104 6.11 25.52 28.54
C PHE E 104 7.42 25.08 27.88
N GLU E 105 7.81 23.81 27.92
CA GLU E 105 8.96 23.33 27.16
C GLU E 105 8.77 23.44 25.63
N ASP E 106 7.63 22.98 25.09
CA ASP E 106 7.33 23.14 23.65
C ASP E 106 7.23 24.60 23.22
N THR E 107 6.65 25.44 24.06
CA THR E 107 6.54 26.88 23.87
C THR E 107 7.93 27.53 23.82
N ASN E 108 8.91 27.03 24.56
CA ASN E 108 10.24 27.67 24.59
C ASN E 108 11.00 27.36 23.36
N LEU E 109 10.80 26.20 22.80
CA LEU E 109 11.46 25.81 21.57
C LEU E 109 11.03 26.68 20.45
N ALA E 110 9.77 27.01 20.40
CA ALA E 110 9.23 27.87 19.39
C ALA E 110 9.79 29.25 19.47
N ALA E 111 10.15 29.75 20.65
CA ALA E 111 10.61 31.12 20.69
C ALA E 111 12.06 31.15 20.28
N ILE E 112 12.83 30.15 20.66
CA ILE E 112 14.21 30.03 20.22
C ILE E 112 14.25 29.88 18.69
N HIS E 113 13.29 29.17 18.11
CA HIS E 113 13.21 29.01 16.66
C HIS E 113 13.03 30.34 15.98
N ALA E 114 12.30 31.25 16.60
CA ALA E 114 12.04 32.57 16.06
C ALA E 114 13.15 33.52 16.46
N LYS E 115 14.26 33.00 16.99
CA LYS E 115 15.41 33.81 17.38
C LYS E 115 15.15 34.80 18.49
N ARG E 116 14.43 34.36 19.50
CA ARG E 116 14.16 35.20 20.66
C ARG E 116 14.41 34.39 21.92
N VAL E 117 14.45 35.04 23.08
CA VAL E 117 14.54 34.34 24.38
C VAL E 117 13.30 34.53 25.24
N THR E 118 12.39 35.43 24.90
CA THR E 118 11.19 35.69 25.66
C THR E 118 10.02 34.98 25.05
N ILE E 119 9.29 34.23 25.84
CA ILE E 119 8.05 33.58 25.43
C ILE E 119 6.94 34.60 25.20
N MET E 120 6.13 34.41 24.15
CA MET E 120 5.02 35.27 23.72
C MET E 120 3.74 34.44 23.57
N PRO E 121 2.53 35.04 23.64
CA PRO E 121 1.27 34.29 23.52
C PRO E 121 1.13 33.46 22.23
N LYS E 122 1.63 33.97 21.09
CA LYS E 122 1.71 33.24 19.81
C LYS E 122 2.55 31.97 19.82
N ASP E 123 3.49 31.81 20.75
CA ASP E 123 4.29 30.60 20.91
C ASP E 123 3.52 29.48 21.60
N ILE E 124 2.65 29.83 22.55
CA ILE E 124 1.74 28.85 23.16
C ILE E 124 0.74 28.41 22.09
N GLN E 125 0.20 29.35 21.32
CA GLN E 125 -0.76 29.04 20.26
C GLN E 125 -0.15 28.18 19.14
N LEU E 126 1.08 28.44 18.70
CA LEU E 126 1.75 27.56 17.73
C LEU E 126 1.97 26.15 18.30
N ALA E 127 2.48 26.02 19.53
CA ALA E 127 2.72 24.71 20.11
C ALA E 127 1.44 23.89 20.21
N ARG E 128 0.36 24.46 20.76
CA ARG E 128 -0.91 23.75 20.84
C ARG E 128 -1.43 23.35 19.45
N ARG E 129 -1.31 24.23 18.47
CA ARG E 129 -1.81 23.95 17.11
C ARG E 129 -1.04 22.80 16.46
N ILE E 130 0.29 22.83 16.53
CA ILE E 130 1.12 21.76 15.96
C ILE E 130 0.93 20.43 16.72
N ARG E 131 0.70 20.48 18.04
CA ARG E 131 0.39 19.27 18.80
C ARG E 131 -0.91 18.62 18.35
N GLY E 132 -1.90 19.43 17.95
CA GLY E 132 -3.22 18.91 17.58
C GLY E 132 -4.30 19.17 18.64
N GLU E 133 -4.07 20.11 19.56
CA GLU E 133 -5.02 20.42 20.62
C GLU E 133 -6.15 21.35 20.12
N LYS F 20 -22.71 30.05 49.45
CA LYS F 20 -22.74 28.72 48.78
C LYS F 20 -21.93 28.69 47.48
N VAL F 21 -22.41 29.35 46.42
CA VAL F 21 -21.85 29.29 45.04
C VAL F 21 -20.50 30.02 44.97
N LEU F 22 -19.45 29.34 44.50
CA LEU F 22 -18.09 29.90 44.47
C LEU F 22 -17.96 30.98 43.38
N ARG F 23 -17.29 32.09 43.70
CA ARG F 23 -17.01 33.13 42.68
C ARG F 23 -15.73 32.74 41.91
N ASP F 24 -15.18 33.63 41.07
CA ASP F 24 -14.00 33.30 40.24
C ASP F 24 -12.67 33.04 40.99
N ASN F 25 -12.28 31.77 41.15
CA ASN F 25 -11.00 31.41 41.79
C ASN F 25 -9.83 31.25 40.81
N ILE F 26 -10.02 31.46 39.51
CA ILE F 26 -8.96 31.34 38.51
C ILE F 26 -7.89 32.45 38.68
N GLN F 27 -8.24 33.58 39.30
CA GLN F 27 -7.25 34.57 39.78
C GLN F 27 -6.44 34.10 41.00
N GLY F 28 -6.83 33.00 41.65
CA GLY F 28 -6.10 32.36 42.74
C GLY F 28 -4.88 31.57 42.26
N ILE F 29 -4.77 31.27 40.97
CA ILE F 29 -3.56 30.78 40.33
C ILE F 29 -2.66 32.00 40.08
N THR F 30 -1.76 32.29 41.01
CA THR F 30 -1.05 33.57 41.10
C THR F 30 0.02 33.73 40.03
N LYS F 31 0.45 34.97 39.76
CA LYS F 31 1.57 35.26 38.86
C LYS F 31 2.88 34.59 39.31
N PRO F 32 3.27 34.61 40.60
CA PRO F 32 4.39 33.81 41.10
C PRO F 32 4.23 32.31 40.89
N ALA F 33 3.06 31.73 40.90
CA ALA F 33 2.99 30.31 40.77
C ALA F 33 3.11 29.97 39.34
N ILE F 34 2.52 30.73 38.41
CA ILE F 34 2.72 30.49 36.96
C ILE F 34 4.20 30.65 36.60
N ARG F 35 4.92 31.59 37.16
CA ARG F 35 6.33 31.75 36.91
C ARG F 35 7.11 30.60 37.40
N ARG F 36 6.86 29.98 38.53
CA ARG F 36 7.60 28.77 38.92
C ARG F 36 7.34 27.60 38.00
N LEU F 37 6.15 27.47 37.42
CA LEU F 37 5.92 26.41 36.43
C LEU F 37 6.72 26.64 35.13
N ALA F 38 6.82 27.89 34.67
CA ALA F 38 7.67 28.25 33.54
C ALA F 38 9.16 27.98 33.83
N ARG F 39 9.61 28.19 35.08
CA ARG F 39 11.01 27.86 35.44
C ARG F 39 11.34 26.35 35.42
N ARG F 40 10.41 25.50 35.84
CA ARG F 40 10.62 24.02 35.82
C ARG F 40 10.68 23.61 34.35
N GLY F 41 9.91 24.26 33.49
CA GLY F 41 9.94 24.07 32.03
C GLY F 41 11.13 24.71 31.32
N GLY F 42 12.14 25.25 32.03
CA GLY F 42 13.37 25.78 31.46
C GLY F 42 13.30 27.20 30.88
N VAL F 43 12.24 27.97 31.15
CA VAL F 43 11.99 29.30 30.59
C VAL F 43 12.75 30.38 31.35
N LYS F 44 13.64 31.11 30.67
CA LYS F 44 14.44 32.20 31.25
C LYS F 44 13.69 33.53 31.38
N ARG F 45 12.95 33.99 30.35
CA ARG F 45 12.23 35.29 30.34
C ARG F 45 10.80 35.15 29.90
N ILE F 46 9.85 35.84 30.52
CA ILE F 46 8.40 35.68 30.25
C ILE F 46 7.65 36.98 29.97
N SER F 47 6.90 37.08 28.87
CA SER F 47 6.09 38.26 28.56
C SER F 47 4.90 38.39 29.45
N GLY F 48 4.41 39.57 29.64
CA GLY F 48 3.34 39.80 30.57
C GLY F 48 2.02 39.19 30.26
N LEU F 49 1.71 38.95 29.01
CA LEU F 49 0.42 38.44 28.61
C LEU F 49 0.34 36.94 28.69
N ILE F 50 1.41 36.28 29.06
CA ILE F 50 1.38 34.81 29.24
C ILE F 50 0.42 34.39 30.35
N TYR F 51 0.26 35.19 31.37
CA TYR F 51 -0.52 34.76 32.52
C TYR F 51 -1.98 34.63 32.20
N GLU F 52 -2.61 35.62 31.60
CA GLU F 52 -4.00 35.52 31.13
C GLU F 52 -4.22 34.35 30.17
N GLU F 53 -3.27 34.13 29.25
CA GLU F 53 -3.29 33.03 28.28
C GLU F 53 -3.18 31.66 28.96
N THR F 54 -2.31 31.53 29.96
CA THR F 54 -2.09 30.29 30.71
C THR F 54 -3.29 29.90 31.56
N ARG F 55 -3.96 30.88 32.15
CA ARG F 55 -5.14 30.60 32.97
C ARG F 55 -6.27 30.00 32.14
N GLY F 56 -6.45 30.47 30.91
CA GLY F 56 -7.48 29.90 30.04
C GLY F 56 -7.07 28.49 29.62
N VAL F 57 -5.81 28.31 29.22
CA VAL F 57 -5.30 26.97 28.88
C VAL F 57 -5.51 25.95 30.01
N LEU F 58 -5.18 26.31 31.26
CA LEU F 58 -5.45 25.48 32.43
C LEU F 58 -6.94 25.21 32.60
N LYS F 59 -7.79 26.22 32.47
CA LYS F 59 -9.24 26.06 32.66
C LYS F 59 -9.83 25.10 31.64
N VAL F 60 -9.45 25.18 30.37
CA VAL F 60 -9.89 24.25 29.33
C VAL F 60 -9.44 22.81 29.63
N PHE F 61 -8.21 22.61 30.09
CA PHE F 61 -7.74 21.28 30.47
C PHE F 61 -8.53 20.70 31.65
N LEU F 62 -8.71 21.47 32.73
CA LEU F 62 -9.50 21.05 33.88
C LEU F 62 -10.96 20.75 33.53
N GLU F 63 -11.61 21.57 32.70
CA GLU F 63 -12.98 21.32 32.27
C GLU F 63 -13.14 19.98 31.55
N ASN F 64 -12.23 19.63 30.64
CA ASN F 64 -12.22 18.32 29.99
C ASN F 64 -12.00 17.16 30.95
N VAL F 65 -11.10 17.25 31.94
CA VAL F 65 -10.83 16.14 32.87
C VAL F 65 -11.94 15.99 33.89
N ILE F 66 -12.47 17.08 34.47
CA ILE F 66 -13.52 17.03 35.48
C ILE F 66 -14.84 16.55 34.88
N ARG F 67 -15.16 16.96 33.67
CA ARG F 67 -16.41 16.52 33.05
C ARG F 67 -16.49 15.00 33.03
N ASP F 68 -15.42 14.33 32.57
CA ASP F 68 -15.40 12.87 32.48
C ASP F 68 -15.32 12.25 33.87
N ALA F 69 -14.45 12.76 34.75
CA ALA F 69 -14.42 12.28 36.12
C ALA F 69 -15.81 12.25 36.76
N VAL F 70 -16.66 13.25 36.54
CA VAL F 70 -18.05 13.26 37.05
C VAL F 70 -19.01 12.33 36.32
N THR F 71 -18.79 12.03 35.06
CA THR F 71 -19.61 11.09 34.32
C THR F 71 -19.44 9.74 34.93
N TYR F 72 -18.23 9.38 35.30
CA TYR F 72 -17.97 8.12 35.98
C TYR F 72 -18.60 8.02 37.33
N THR F 73 -18.60 9.09 38.12
CA THR F 73 -19.16 9.05 39.45
C THR F 73 -20.64 8.85 39.37
N GLU F 74 -21.28 9.53 38.43
CA GLU F 74 -22.73 9.40 38.24
C GLU F 74 -23.15 8.03 37.80
N HIS F 75 -22.36 7.38 36.96
CA HIS F 75 -22.66 6.02 36.55
C HIS F 75 -22.65 5.13 37.76
N ALA F 76 -21.74 5.37 38.68
CA ALA F 76 -21.62 4.56 39.88
C ALA F 76 -22.64 4.92 40.94
N LYS F 77 -23.46 5.94 40.71
CA LYS F 77 -24.46 6.38 41.67
C LYS F 77 -23.85 6.80 42.99
N ARG F 78 -22.78 7.58 42.93
CA ARG F 78 -22.11 8.07 44.13
C ARG F 78 -22.07 9.58 44.09
N LYS F 79 -22.08 10.24 45.24
CA LYS F 79 -21.97 11.69 45.32
C LYS F 79 -20.51 12.17 45.43
N THR F 80 -19.62 11.33 45.94
CA THR F 80 -18.20 11.67 46.10
C THR F 80 -17.40 11.33 44.85
N VAL F 81 -16.64 12.30 44.31
CA VAL F 81 -15.59 12.04 43.32
C VAL F 81 -14.40 11.32 43.96
N THR F 82 -13.99 10.16 43.45
CA THR F 82 -12.85 9.38 43.99
C THR F 82 -11.56 9.59 43.21
N ALA F 83 -10.40 9.22 43.76
CA ALA F 83 -9.13 9.29 43.03
C ALA F 83 -9.13 8.41 41.76
N MET F 84 -9.83 7.27 41.80
CA MET F 84 -9.95 6.41 40.63
C MET F 84 -10.75 7.05 39.50
N ASP F 85 -11.82 7.79 39.80
CA ASP F 85 -12.60 8.51 38.79
C ASP F 85 -11.74 9.49 38.00
N VAL F 86 -10.82 10.17 38.67
CA VAL F 86 -9.85 11.06 38.05
C VAL F 86 -8.82 10.28 37.23
N VAL F 87 -8.27 9.19 37.76
CA VAL F 87 -7.28 8.37 37.05
C VAL F 87 -7.86 7.77 35.77
N TYR F 88 -9.09 7.24 35.78
CA TYR F 88 -9.77 6.78 34.57
C TYR F 88 -10.03 7.91 33.57
N ALA F 89 -10.49 9.08 34.01
CA ALA F 89 -10.65 10.24 33.13
C ALA F 89 -9.34 10.63 32.43
N LEU F 90 -8.23 10.70 33.14
CA LEU F 90 -6.91 11.00 32.56
C LEU F 90 -6.44 9.90 31.60
N LYS F 91 -6.67 8.63 31.92
CA LYS F 91 -6.30 7.47 31.08
C LYS F 91 -6.98 7.51 29.71
N ARG F 92 -8.24 7.95 29.66
CA ARG F 92 -8.94 8.12 28.38
C ARG F 92 -8.27 9.16 27.50
N GLN F 93 -7.86 10.29 28.07
CA GLN F 93 -7.28 11.41 27.28
C GLN F 93 -5.80 11.23 26.94
N GLY F 94 -5.25 10.02 27.15
CA GLY F 94 -3.87 9.74 26.80
C GLY F 94 -2.90 10.32 27.80
N ARG F 95 -3.30 10.39 29.07
CA ARG F 95 -2.46 10.96 30.12
C ARG F 95 -2.40 10.03 31.32
N THR F 96 -1.75 8.89 31.14
CA THR F 96 -1.62 7.93 32.24
C THR F 96 -0.92 8.56 33.44
N LEU F 97 -1.44 8.39 34.65
CA LEU F 97 -0.77 8.86 35.87
C LEU F 97 -0.49 7.71 36.84
N TYR F 98 0.78 7.46 37.18
CA TYR F 98 1.12 6.42 38.18
C TYR F 98 1.05 7.03 39.57
N GLY F 99 0.74 6.22 40.59
CA GLY F 99 0.73 6.69 41.97
C GLY F 99 -0.61 6.68 42.70
N PHE F 100 -1.73 6.90 42.01
CA PHE F 100 -3.05 6.99 42.67
C PHE F 100 -3.91 5.73 42.49
N GLY F 101 -3.38 4.56 42.88
CA GLY F 101 -4.14 3.30 42.81
C GLY F 101 -4.44 2.76 41.41
N GLY F 102 -3.84 3.33 40.36
CA GLY F 102 -4.14 2.91 38.98
C GLY F 102 -3.94 1.42 38.74
N ARG G 11 -46.54 -21.36 15.42
CA ARG G 11 -45.95 -20.12 15.99
C ARG G 11 -46.37 -18.89 15.19
N ALA G 12 -46.37 -17.69 15.79
CA ALA G 12 -46.69 -16.45 15.09
C ALA G 12 -45.64 -16.10 14.00
N LYS G 13 -46.06 -15.34 12.98
CA LYS G 13 -45.20 -14.89 11.87
C LYS G 13 -44.19 -13.85 12.34
N ALA G 14 -42.94 -13.99 11.90
CA ALA G 14 -41.80 -13.22 12.39
C ALA G 14 -41.88 -11.71 12.07
N LYS G 15 -41.47 -10.87 13.03
CA LYS G 15 -41.17 -9.45 12.83
C LYS G 15 -39.76 -9.14 13.30
N THR G 16 -38.96 -8.47 12.48
CA THR G 16 -37.60 -8.09 12.87
C THR G 16 -37.59 -7.17 14.08
N ARG G 17 -36.63 -7.27 14.98
CA ARG G 17 -36.54 -6.35 16.10
C ARG G 17 -36.24 -4.93 15.66
N SER G 18 -35.68 -4.70 14.49
CA SER G 18 -35.49 -3.35 14.04
C SER G 18 -36.81 -2.73 13.70
N SER G 19 -37.69 -3.48 13.10
CA SER G 19 -39.03 -2.98 12.80
C SER G 19 -39.80 -2.58 14.05
N ARG G 20 -39.68 -3.35 15.14
CA ARG G 20 -40.27 -3.01 16.44
C ARG G 20 -39.70 -1.75 17.07
N ALA G 21 -38.39 -1.53 16.96
CA ALA G 21 -37.73 -0.31 17.45
C ALA G 21 -37.92 0.92 16.56
N GLY G 22 -38.21 0.71 15.28
CA GLY G 22 -38.44 1.77 14.32
C GLY G 22 -37.13 2.24 13.80
N LEU G 23 -36.32 1.30 13.30
CA LEU G 23 -34.97 1.61 12.85
C LEU G 23 -34.67 0.89 11.56
N GLN G 24 -33.72 1.39 10.79
CA GLN G 24 -33.29 0.74 9.55
C GLN G 24 -32.08 -0.17 9.73
N PHE G 25 -31.21 0.09 10.70
CA PHE G 25 -30.02 -0.72 10.95
C PHE G 25 -30.39 -2.04 11.61
N PRO G 26 -29.53 -3.07 11.56
CA PRO G 26 -29.91 -4.41 12.08
C PRO G 26 -29.75 -4.75 13.59
N VAL G 27 -30.81 -4.88 14.39
CA VAL G 27 -30.67 -5.12 15.82
C VAL G 27 -30.12 -6.49 16.05
N GLY G 28 -30.53 -7.46 15.27
CA GLY G 28 -30.04 -8.81 15.41
C GLY G 28 -28.58 -9.00 15.16
N ARG G 29 -28.05 -8.40 14.11
CA ARG G 29 -26.63 -8.49 13.84
C ARG G 29 -25.82 -7.82 14.89
N VAL G 30 -26.27 -6.68 15.36
CA VAL G 30 -25.56 -5.97 16.42
C VAL G 30 -25.51 -6.77 17.69
N HIS G 31 -26.56 -7.46 18.06
CA HIS G 31 -26.55 -8.29 19.23
C HIS G 31 -25.58 -9.42 19.11
N ARG G 32 -25.50 -10.05 17.94
CA ARG G 32 -24.56 -11.15 17.74
C ARG G 32 -23.12 -10.62 17.82
N LEU G 33 -22.85 -9.49 17.17
CA LEU G 33 -21.51 -8.90 17.21
C LEU G 33 -21.06 -8.68 18.64
N LEU G 34 -21.93 -8.10 19.47
CA LEU G 34 -21.62 -7.85 20.88
C LEU G 34 -21.43 -9.10 21.69
N ARG G 35 -22.25 -10.10 21.47
CA ARG G 35 -22.14 -11.38 22.17
C ARG G 35 -20.91 -12.15 21.84
N LYS G 36 -20.39 -12.02 20.65
CA LYS G 36 -19.22 -12.74 20.21
C LYS G 36 -17.95 -11.91 20.19
N GLY G 37 -18.00 -10.63 20.54
CA GLY G 37 -16.81 -9.81 20.62
C GLY G 37 -16.04 -9.80 21.90
N ASN G 38 -16.49 -10.57 22.92
CA ASN G 38 -15.81 -10.66 24.22
C ASN G 38 -15.77 -9.32 24.96
N TYR G 39 -16.90 -8.58 24.95
CA TYR G 39 -16.97 -7.32 25.71
C TYR G 39 -17.35 -7.66 27.14
N ALA G 40 -18.49 -8.31 27.36
CA ALA G 40 -18.93 -8.70 28.70
C ALA G 40 -19.44 -10.15 28.64
N GLU G 41 -19.45 -10.86 29.78
CA GLU G 41 -20.01 -12.22 29.77
C GLU G 41 -21.55 -12.26 29.58
N ARG G 42 -22.26 -11.15 29.77
CA ARG G 42 -23.69 -11.01 29.42
C ARG G 42 -24.00 -9.71 28.68
N VAL G 43 -25.03 -9.72 27.82
CA VAL G 43 -25.45 -8.53 27.11
C VAL G 43 -26.93 -8.40 27.35
N GLY G 44 -27.42 -7.20 27.59
CA GLY G 44 -28.82 -6.94 27.87
C GLY G 44 -29.66 -6.85 26.65
N ALA G 45 -30.96 -6.76 26.79
CA ALA G 45 -31.86 -6.76 25.65
C ALA G 45 -32.02 -5.44 25.01
N GLY G 46 -31.90 -4.37 25.79
CA GLY G 46 -31.96 -3.02 25.25
C GLY G 46 -30.64 -2.48 24.71
N ALA G 47 -29.51 -3.06 25.07
CA ALA G 47 -28.18 -2.64 24.60
C ALA G 47 -28.00 -2.65 23.07
N PRO G 48 -28.48 -3.71 22.36
CA PRO G 48 -28.42 -3.72 20.91
C PRO G 48 -29.31 -2.70 20.22
N VAL G 49 -30.45 -2.33 20.79
CA VAL G 49 -31.41 -1.36 20.26
C VAL G 49 -30.90 0.05 20.43
N TYR G 50 -30.38 0.38 21.61
CA TYR G 50 -29.75 1.68 21.84
C TYR G 50 -28.56 1.89 20.91
N LEU G 51 -27.71 0.87 20.73
CA LEU G 51 -26.52 0.99 19.88
C LEU G 51 -26.88 1.11 18.40
N ALA G 52 -27.86 0.36 17.90
CA ALA G 52 -28.32 0.50 16.52
C ALA G 52 -28.93 1.88 16.23
N ALA G 53 -29.67 2.47 17.18
CA ALA G 53 -30.17 3.83 17.04
C ALA G 53 -29.05 4.87 16.90
N VAL G 54 -27.97 4.72 17.66
CA VAL G 54 -26.84 5.67 17.64
C VAL G 54 -26.05 5.58 16.34
N LEU G 55 -25.75 4.36 15.87
CA LEU G 55 -25.07 4.15 14.60
C LEU G 55 -25.89 4.67 13.41
N GLU G 56 -27.21 4.53 13.42
CA GLU G 56 -28.03 5.09 12.33
C GLU G 56 -28.14 6.55 12.38
N TYR G 57 -28.23 7.13 13.55
CA TYR G 57 -28.17 8.59 13.67
C TYR G 57 -26.88 9.18 13.13
N LEU G 58 -25.72 8.64 13.53
CA LEU G 58 -24.43 9.11 13.07
C LEU G 58 -24.25 8.89 11.55
N THR G 59 -24.80 7.80 11.01
CA THR G 59 -24.83 7.57 9.55
C THR G 59 -25.61 8.67 8.84
N ALA G 60 -26.80 9.02 9.31
CA ALA G 60 -27.62 10.04 8.70
C ALA G 60 -26.96 11.43 8.75
N GLU G 61 -26.31 11.80 9.85
CA GLU G 61 -25.60 13.08 9.98
C GLU G 61 -24.50 13.27 8.92
N ILE G 62 -23.72 12.23 8.60
CA ILE G 62 -22.70 12.30 7.56
C ILE G 62 -23.35 12.38 6.17
N LEU G 63 -24.32 11.53 5.86
CA LEU G 63 -24.90 11.48 4.52
C LEU G 63 -25.69 12.74 4.17
N GLU G 64 -26.31 13.42 5.14
CA GLU G 64 -26.95 14.70 4.90
C GLU G 64 -25.95 15.77 4.42
N LEU G 65 -24.82 15.90 5.12
CA LEU G 65 -23.77 16.84 4.71
C LEU G 65 -23.09 16.41 3.41
N ALA G 66 -22.85 15.13 3.19
CA ALA G 66 -22.24 14.64 1.96
C ALA G 66 -23.14 14.89 0.76
N GLY G 67 -24.46 14.66 0.88
CA GLY G 67 -25.41 14.92 -0.19
C GLY G 67 -25.50 16.41 -0.55
N ASN G 68 -25.41 17.32 0.43
CA ASN G 68 -25.32 18.75 0.15
C ASN G 68 -24.05 19.09 -0.62
N ALA G 69 -22.90 18.54 -0.23
CA ALA G 69 -21.64 18.76 -0.95
C ALA G 69 -21.70 18.23 -2.39
N ALA G 70 -22.30 17.06 -2.64
CA ALA G 70 -22.51 16.54 -3.99
C ALA G 70 -23.39 17.47 -4.83
N ARG G 71 -24.50 17.96 -4.26
CA ARG G 71 -25.44 18.89 -4.88
C ARG G 71 -24.79 20.23 -5.25
N ASP G 72 -24.01 20.83 -4.36
CA ASP G 72 -23.29 22.08 -4.66
C ASP G 72 -22.25 21.91 -5.78
N ASN G 73 -21.65 20.74 -5.87
CA ASN G 73 -20.75 20.33 -6.95
C ASN G 73 -21.50 19.83 -8.21
N LYS G 74 -22.83 19.93 -8.26
CA LYS G 74 -23.71 19.55 -9.39
C LYS G 74 -23.72 18.06 -9.76
N LYS G 75 -23.30 17.17 -8.84
CA LYS G 75 -23.26 15.72 -9.03
C LYS G 75 -24.50 15.07 -8.42
N THR G 76 -25.04 14.01 -9.01
CA THR G 76 -26.08 13.18 -8.39
C THR G 76 -25.50 12.05 -7.55
N ARG G 77 -24.18 11.85 -7.61
CA ARG G 77 -23.55 10.78 -6.88
C ARG G 77 -22.52 11.20 -5.85
N ILE G 78 -22.69 10.77 -4.61
CA ILE G 78 -21.71 10.95 -3.54
C ILE G 78 -20.45 10.13 -3.85
N ILE G 79 -19.28 10.76 -3.77
CA ILE G 79 -17.94 10.16 -3.96
C ILE G 79 -17.05 10.52 -2.75
N PRO G 80 -15.90 9.82 -2.58
CA PRO G 80 -15.05 10.06 -1.40
C PRO G 80 -14.60 11.47 -1.10
N ARG G 81 -14.68 12.38 -2.05
CA ARG G 81 -14.25 13.75 -1.86
C ARG G 81 -15.35 14.48 -1.17
N HIS G 82 -16.59 14.19 -1.51
CA HIS G 82 -17.72 14.84 -0.90
C HIS G 82 -17.77 14.51 0.56
N LEU G 83 -17.45 13.30 0.93
CA LEU G 83 -17.41 12.89 2.32
C LEU G 83 -16.36 13.60 3.13
N GLN G 84 -15.18 13.84 2.57
CA GLN G 84 -14.14 14.56 3.28
C GLN G 84 -14.61 15.97 3.52
N LEU G 85 -15.23 16.60 2.54
CA LEU G 85 -15.61 17.98 2.66
C LEU G 85 -16.61 18.11 3.75
N ALA G 86 -17.53 17.20 3.84
CA ALA G 86 -18.50 17.20 4.92
C ALA G 86 -17.95 17.03 6.30
N VAL G 87 -17.05 16.10 6.51
CA VAL G 87 -16.47 15.85 7.81
C VAL G 87 -15.60 16.98 8.26
N ARG G 88 -14.80 17.54 7.39
CA ARG G 88 -13.85 18.55 7.77
C ARG G 88 -14.39 19.93 7.93
N ASN G 89 -15.56 20.23 7.40
CA ASN G 89 -16.22 21.52 7.58
C ASN G 89 -17.19 21.53 8.77
N ASP G 90 -17.47 20.39 9.42
CA ASP G 90 -18.29 20.28 10.63
C ASP G 90 -17.42 20.15 11.88
N GLU G 91 -17.60 21.03 12.85
CA GLU G 91 -16.71 21.09 14.02
C GLU G 91 -16.82 19.89 14.97
N GLU G 92 -17.95 19.19 15.02
CA GLU G 92 -18.11 17.99 15.84
C GLU G 92 -17.65 16.74 15.08
N LEU G 93 -18.02 16.55 13.82
CA LEU G 93 -17.54 15.39 13.06
C LEU G 93 -16.03 15.42 12.89
N ASN G 94 -15.42 16.58 12.66
CA ASN G 94 -13.96 16.67 12.59
C ASN G 94 -13.27 16.40 13.93
N LYS G 95 -13.95 16.57 15.07
CA LYS G 95 -13.43 16.14 16.38
C LYS G 95 -13.61 14.65 16.63
N LEU G 96 -14.74 14.07 16.21
CA LEU G 96 -14.99 12.64 16.25
C LEU G 96 -14.00 11.85 15.38
N LEU G 97 -13.61 12.42 14.24
CA LEU G 97 -12.81 11.82 13.17
C LEU G 97 -11.48 12.52 12.94
N GLY G 98 -10.87 13.09 13.98
CA GLY G 98 -9.64 13.88 13.86
C GLY G 98 -8.36 13.08 13.54
N ARG G 99 -8.40 11.76 13.76
CA ARG G 99 -7.28 10.83 13.58
C ARG G 99 -7.48 9.76 12.48
N VAL G 100 -8.52 9.87 11.65
CA VAL G 100 -8.76 8.97 10.51
C VAL G 100 -8.35 9.59 9.19
N THR G 101 -7.82 8.79 8.27
CA THR G 101 -7.50 9.17 6.89
C THR G 101 -8.56 8.59 5.97
N ILE G 102 -9.19 9.42 5.12
CA ILE G 102 -10.21 8.94 4.18
C ILE G 102 -9.53 8.86 2.84
N ALA G 103 -9.61 7.70 2.20
CA ALA G 103 -8.92 7.50 0.92
C ALA G 103 -9.55 8.26 -0.22
N GLN G 104 -8.73 8.78 -1.16
CA GLN G 104 -9.25 9.59 -2.25
C GLN G 104 -10.05 10.75 -1.69
N GLY G 105 -9.68 11.21 -0.51
CA GLY G 105 -10.35 12.34 0.12
C GLY G 105 -9.30 13.42 -0.05
N GLY G 106 -9.68 14.57 -0.57
CA GLY G 106 -8.72 15.62 -0.85
C GLY G 106 -8.30 16.39 0.39
N VAL G 107 -7.99 17.68 0.23
CA VAL G 107 -7.64 18.52 1.38
C VAL G 107 -8.56 19.71 1.23
N LEU G 108 -9.13 20.22 2.31
CA LEU G 108 -9.93 21.42 2.16
C LEU G 108 -9.09 22.53 1.62
N PRO G 109 -9.63 23.36 0.73
CA PRO G 109 -8.73 24.39 0.22
C PRO G 109 -8.42 25.53 1.19
N ASN G 110 -7.13 25.83 1.44
CA ASN G 110 -6.72 26.89 2.33
C ASN G 110 -5.36 27.36 1.96
N ILE G 111 -5.17 28.66 1.75
CA ILE G 111 -3.87 29.22 1.47
C ILE G 111 -3.72 30.30 2.52
N GLN G 112 -2.59 30.36 3.21
CA GLN G 112 -2.41 31.33 4.27
C GLN G 112 -2.31 32.69 3.66
N SER G 113 -2.72 33.72 4.37
CA SER G 113 -2.75 35.09 3.86
C SER G 113 -1.44 35.74 3.47
N VAL G 114 -0.39 35.47 4.22
CA VAL G 114 0.89 36.09 3.96
C VAL G 114 1.30 35.70 2.58
N LEU G 115 1.00 34.49 2.18
CA LEU G 115 1.43 33.99 0.90
C LEU G 115 0.82 34.63 -0.32
N LEU G 116 -0.28 35.35 -0.20
CA LEU G 116 -0.98 35.87 -1.38
C LEU G 116 -0.39 37.15 -2.03
N PRO G 117 -0.68 37.42 -3.33
CA PRO G 117 -0.11 38.60 -3.98
C PRO G 117 -0.43 39.92 -3.27
N LYS G 118 0.45 40.91 -3.40
CA LYS G 118 0.30 42.21 -2.75
C LYS G 118 -0.57 43.18 -3.56
N LYS G 119 -1.28 44.05 -2.83
CA LYS G 119 -2.17 45.09 -3.35
C LYS G 119 -2.38 46.19 -2.30
N ARG H 27 -17.52 -15.70 -3.76
CA ARG H 27 -17.92 -17.00 -4.29
C ARG H 27 -17.61 -18.09 -3.30
N LYS H 28 -18.61 -18.90 -2.94
CA LYS H 28 -18.41 -20.03 -2.05
C LYS H 28 -18.11 -19.53 -0.66
N THR H 29 -18.32 -18.22 -0.44
CA THR H 29 -18.04 -17.62 0.83
C THR H 29 -18.74 -16.28 0.74
N ARG H 30 -19.62 -15.98 1.71
CA ARG H 30 -20.34 -14.69 1.72
C ARG H 30 -19.53 -13.67 2.49
N LYS H 31 -19.83 -12.38 2.30
CA LYS H 31 -19.14 -11.32 3.03
C LYS H 31 -20.20 -10.34 3.53
N GLU H 32 -20.44 -10.33 4.84
CA GLU H 32 -21.39 -9.36 5.39
C GLU H 32 -20.86 -7.92 5.33
N SER H 33 -21.75 -6.94 5.17
CA SER H 33 -21.42 -5.52 5.28
C SER H 33 -22.64 -4.70 5.65
N TYR H 34 -22.45 -3.46 6.06
CA TYR H 34 -23.56 -2.54 6.35
C TYR H 34 -24.17 -1.88 5.10
N ALA H 35 -23.72 -2.19 3.89
CA ALA H 35 -24.03 -1.42 2.69
C ALA H 35 -25.53 -1.19 2.43
N ILE H 36 -26.37 -2.21 2.57
CA ILE H 36 -27.81 -2.06 2.33
C ILE H 36 -28.46 -1.12 3.35
N TYR H 37 -27.99 -1.07 4.57
CA TYR H 37 -28.52 -0.20 5.60
C TYR H 37 -28.12 1.23 5.32
N VAL H 38 -26.88 1.47 4.97
CA VAL H 38 -26.41 2.79 4.53
C VAL H 38 -27.23 3.30 3.34
N TYR H 39 -27.59 2.43 2.39
CA TYR H 39 -28.40 2.86 1.25
C TYR H 39 -29.87 3.13 1.60
N LYS H 40 -30.42 2.48 2.63
CA LYS H 40 -31.80 2.66 2.96
C LYS H 40 -31.96 3.94 3.67
N VAL H 41 -30.90 4.43 4.28
CA VAL H 41 -30.93 5.67 5.04
C VAL H 41 -30.64 6.73 4.07
N LEU H 42 -29.66 6.54 3.22
CA LEU H 42 -29.43 7.54 2.15
C LEU H 42 -30.73 7.95 1.48
N LYS H 43 -31.57 7.02 1.05
CA LYS H 43 -32.77 7.41 0.33
C LYS H 43 -33.82 8.10 1.18
N GLN H 44 -33.73 8.06 2.51
CA GLN H 44 -34.64 8.85 3.33
C GLN H 44 -34.12 10.27 3.42
N VAL H 45 -32.80 10.44 3.50
CA VAL H 45 -32.17 11.76 3.64
C VAL H 45 -32.17 12.52 2.31
N HIS H 46 -31.79 11.88 1.21
CA HIS H 46 -31.75 12.45 -0.14
C HIS H 46 -32.31 11.43 -1.16
N PRO H 47 -33.60 11.50 -1.51
CA PRO H 47 -34.22 10.56 -2.44
C PRO H 47 -33.60 10.51 -3.84
N ASP H 48 -33.14 11.67 -4.33
CA ASP H 48 -32.56 11.82 -5.66
C ASP H 48 -31.16 11.21 -5.85
N THR H 49 -30.30 11.27 -4.83
CA THR H 49 -28.86 10.93 -4.99
C THR H 49 -28.59 9.42 -5.05
N GLY H 50 -27.37 9.07 -5.48
CA GLY H 50 -26.90 7.69 -5.47
C GLY H 50 -25.56 7.76 -4.75
N ILE H 51 -24.75 6.70 -4.78
CA ILE H 51 -23.43 6.70 -4.16
C ILE H 51 -22.49 5.74 -4.88
N SER H 52 -21.20 6.04 -4.90
CA SER H 52 -20.21 5.20 -5.57
C SER H 52 -19.77 4.04 -4.72
N SER H 53 -19.12 3.05 -5.32
CA SER H 53 -18.60 1.90 -4.57
C SER H 53 -17.44 2.27 -3.65
N LYS H 54 -16.58 3.18 -4.08
CA LYS H 54 -15.52 3.65 -3.18
C LYS H 54 -16.07 4.35 -1.95
N ALA H 55 -17.06 5.24 -2.12
CA ALA H 55 -17.69 5.93 -1.00
C ALA H 55 -18.43 4.96 -0.07
N MET H 56 -19.14 3.97 -0.61
CA MET H 56 -19.81 2.95 0.22
C MET H 56 -18.84 2.10 1.05
N SER H 57 -17.64 1.82 0.54
CA SER H 57 -16.58 1.15 1.30
C SER H 57 -16.04 1.99 2.47
N ILE H 58 -15.88 3.32 2.30
CA ILE H 58 -15.58 4.23 3.41
C ILE H 58 -16.72 4.25 4.44
N MET H 59 -17.98 4.28 3.99
CA MET H 59 -19.12 4.26 4.91
C MET H 59 -19.20 2.99 5.74
N ASN H 60 -18.90 1.82 5.17
CA ASN H 60 -18.81 0.58 5.93
C ASN H 60 -17.70 0.64 6.99
N SER H 61 -16.56 1.24 6.68
CA SER H 61 -15.45 1.42 7.63
C SER H 61 -15.81 2.35 8.78
N PHE H 62 -16.53 3.45 8.55
CA PHE H 62 -17.04 4.33 9.60
C PHE H 62 -17.91 3.60 10.62
N VAL H 63 -18.86 2.77 10.17
CA VAL H 63 -19.75 2.06 11.09
C VAL H 63 -19.00 1.06 11.96
N ASN H 64 -18.05 0.32 11.38
CA ASN H 64 -17.19 -0.60 12.11
C ASN H 64 -16.31 0.08 13.16
N ASP H 65 -15.69 1.22 12.82
CA ASP H 65 -14.88 1.98 13.77
C ASP H 65 -15.68 2.49 14.97
N VAL H 66 -16.82 3.13 14.72
CA VAL H 66 -17.68 3.67 15.78
C VAL H 66 -18.21 2.56 16.67
N PHE H 67 -18.61 1.41 16.13
CA PHE H 67 -19.08 0.28 16.91
C PHE H 67 -18.01 -0.18 17.91
N GLU H 68 -16.78 -0.38 17.47
CA GLU H 68 -15.67 -0.82 18.32
C GLU H 68 -15.31 0.20 19.41
N ARG H 69 -15.44 1.51 19.18
CA ARG H 69 -15.22 2.53 20.21
C ARG H 69 -16.24 2.43 21.34
N ILE H 70 -17.53 2.44 21.01
CA ILE H 70 -18.61 2.43 22.00
C ILE H 70 -18.60 1.15 22.83
N ALA H 71 -18.38 -0.02 22.22
CA ALA H 71 -18.35 -1.26 22.97
C ALA H 71 -17.10 -1.42 23.85
N GLY H 72 -15.96 -0.84 23.50
CA GLY H 72 -14.77 -0.81 24.35
C GLY H 72 -14.98 0.00 25.62
N GLU H 73 -15.56 1.20 25.55
CA GLU H 73 -15.87 1.97 26.77
C GLU H 73 -16.94 1.25 27.61
N ALA H 74 -17.97 0.70 27.04
CA ALA H 74 -18.96 0.01 27.81
C ALA H 74 -18.36 -1.12 28.59
N SER H 75 -17.53 -1.91 27.97
CA SER H 75 -16.92 -3.03 28.64
C SER H 75 -16.07 -2.63 29.80
N ARG H 76 -15.28 -1.60 29.64
CA ARG H 76 -14.48 -1.09 30.72
C ARG H 76 -15.31 -0.57 31.85
N LEU H 77 -16.40 0.10 31.57
CA LEU H 77 -17.23 0.66 32.60
C LEU H 77 -17.77 -0.41 33.47
N ALA H 78 -18.17 -1.51 32.91
CA ALA H 78 -18.71 -2.59 33.68
C ALA H 78 -17.71 -3.18 34.59
N HIS H 79 -16.50 -3.33 34.13
CA HIS H 79 -15.44 -3.90 34.91
C HIS H 79 -15.04 -3.05 36.07
N TYR H 80 -14.98 -1.76 35.90
CA TYR H 80 -14.63 -0.85 36.96
C TYR H 80 -15.63 -0.91 38.04
N ASN H 81 -16.90 -1.05 37.70
CA ASN H 81 -17.97 -1.08 38.66
C ASN H 81 -18.28 -2.47 39.10
N LYS H 82 -17.50 -3.46 38.68
CA LYS H 82 -17.69 -4.87 39.01
C LYS H 82 -18.98 -5.53 38.62
N ARG H 83 -19.41 -5.33 37.37
CA ARG H 83 -20.63 -5.90 36.86
C ARG H 83 -20.42 -6.92 35.76
N SER H 84 -21.29 -7.90 35.65
CA SER H 84 -21.20 -8.98 34.66
C SER H 84 -21.88 -8.65 33.33
N THR H 85 -22.84 -7.72 33.30
CA THR H 85 -23.67 -7.40 32.13
C THR H 85 -23.33 -6.04 31.51
N ILE H 86 -23.33 -5.93 30.18
CA ILE H 86 -23.48 -4.62 29.49
C ILE H 86 -24.96 -4.36 29.29
N THR H 87 -25.47 -3.23 29.76
CA THR H 87 -26.86 -2.81 29.59
C THR H 87 -26.93 -1.52 28.76
N SER H 88 -28.13 -1.03 28.46
CA SER H 88 -28.29 0.26 27.81
C SER H 88 -27.74 1.42 28.65
N ARG H 89 -27.69 1.30 29.97
CA ARG H 89 -27.18 2.37 30.82
C ARG H 89 -25.68 2.53 30.66
N GLU H 90 -24.98 1.47 30.28
CA GLU H 90 -23.54 1.52 30.05
C GLU H 90 -23.27 2.06 28.70
N ILE H 91 -24.07 1.71 27.71
CA ILE H 91 -23.97 2.27 26.34
C ILE H 91 -24.33 3.75 26.31
N GLN H 92 -25.35 4.20 27.05
CA GLN H 92 -25.61 5.63 27.21
C GLN H 92 -24.41 6.39 27.78
N THR H 93 -23.77 5.90 28.83
CA THR H 93 -22.59 6.54 29.36
C THR H 93 -21.41 6.48 28.39
N ALA H 94 -21.16 5.38 27.70
CA ALA H 94 -20.12 5.32 26.68
C ALA H 94 -20.33 6.37 25.58
N VAL H 95 -21.57 6.57 25.12
CA VAL H 95 -21.90 7.61 24.13
C VAL H 95 -21.59 9.00 24.68
N ARG H 96 -21.96 9.28 25.92
CA ARG H 96 -21.59 10.53 26.60
C ARG H 96 -20.09 10.75 26.79
N LEU H 97 -19.29 9.70 26.99
CA LEU H 97 -17.83 9.83 27.09
C LEU H 97 -17.17 10.03 25.72
N LEU H 98 -17.70 9.42 24.65
CA LEU H 98 -17.08 9.44 23.32
C LEU H 98 -17.47 10.63 22.43
N LEU H 99 -18.74 10.98 22.30
CA LEU H 99 -19.16 11.99 21.31
C LEU H 99 -18.96 13.43 21.81
N PRO H 100 -18.60 14.39 20.93
CA PRO H 100 -18.66 15.83 21.20
C PRO H 100 -20.08 16.31 21.54
N GLY H 101 -20.20 17.41 22.28
CA GLY H 101 -21.41 17.76 23.04
C GLY H 101 -22.72 17.81 22.27
N GLU H 102 -22.76 18.47 21.11
CA GLU H 102 -23.99 18.53 20.30
C GLU H 102 -24.39 17.17 19.72
N LEU H 103 -23.44 16.35 19.26
CA LEU H 103 -23.73 14.98 18.85
C LEU H 103 -24.18 14.11 20.03
N ALA H 104 -23.59 14.25 21.22
CA ALA H 104 -23.92 13.42 22.36
C ALA H 104 -25.38 13.60 22.80
N LYS H 105 -25.84 14.85 22.89
CA LYS H 105 -27.21 15.17 23.31
C LYS H 105 -28.25 14.65 22.32
N HIS H 106 -27.98 14.73 21.02
CA HIS H 106 -28.85 14.13 20.00
C HIS H 106 -28.76 12.60 19.96
N ALA H 107 -27.58 11.98 20.02
CA ALA H 107 -27.46 10.53 20.03
C ALA H 107 -28.19 9.89 21.22
N VAL H 108 -28.11 10.52 22.40
CA VAL H 108 -28.83 10.06 23.59
C VAL H 108 -30.35 10.18 23.43
N SER H 109 -30.83 11.24 22.79
CA SER H 109 -32.25 11.39 22.47
C SER H 109 -32.72 10.30 21.50
N GLU H 110 -31.94 9.96 20.47
CA GLU H 110 -32.32 8.92 19.51
C GLU H 110 -32.29 7.53 20.14
N GLY H 111 -31.31 7.21 20.98
CA GLY H 111 -31.26 5.94 21.71
C GLY H 111 -32.43 5.74 22.67
N THR H 112 -32.77 6.75 23.48
CA THR H 112 -33.88 6.66 24.44
C THR H 112 -35.26 6.59 23.77
N LYS H 113 -35.47 7.25 22.62
CA LYS H 113 -36.70 7.11 21.82
C LYS H 113 -36.87 5.70 21.28
N ALA H 114 -35.81 5.09 20.75
CA ALA H 114 -35.85 3.73 20.25
C ALA H 114 -36.16 2.71 21.36
N VAL H 115 -35.49 2.78 22.51
CA VAL H 115 -35.72 1.83 23.62
C VAL H 115 -37.14 1.94 24.20
N THR H 116 -37.71 3.14 24.28
CA THR H 116 -39.11 3.31 24.71
C THR H 116 -40.08 2.66 23.73
N LYS H 117 -39.93 2.95 22.43
CA LYS H 117 -40.77 2.36 21.38
C LYS H 117 -40.63 0.84 21.34
N TYR H 118 -39.41 0.30 21.36
CA TYR H 118 -39.16 -1.15 21.40
C TYR H 118 -39.86 -1.81 22.59
N THR H 119 -39.76 -1.23 23.78
CA THR H 119 -40.37 -1.78 25.00
C THR H 119 -41.90 -1.80 24.94
N SER H 120 -42.53 -0.85 24.22
CA SER H 120 -43.98 -0.83 24.05
C SER H 120 -44.53 -2.00 23.20
N ALA H 121 -43.74 -2.50 22.25
CA ALA H 121 -44.10 -3.64 21.39
C ALA H 121 -43.70 -5.00 21.98
N LYS H 122 -42.57 -5.06 22.70
CA LYS H 122 -42.06 -6.27 23.38
C LYS H 122 -43.11 -6.93 24.30
N TYR K 174 -7.57 -8.01 -64.56
CA TYR K 174 -7.33 -6.81 -63.72
C TYR K 174 -5.96 -6.78 -63.05
N VAL K 175 -5.52 -7.84 -62.34
CA VAL K 175 -4.18 -7.90 -61.71
C VAL K 175 -3.07 -7.68 -62.74
N LYS K 176 -2.15 -6.74 -62.49
CA LYS K 176 -1.21 -6.24 -63.51
C LYS K 176 0.19 -6.84 -63.47
N TRP K 177 0.95 -6.60 -62.40
CA TRP K 177 2.41 -6.91 -62.37
C TRP K 177 2.91 -8.31 -62.61
N GLY K 178 2.12 -9.31 -62.25
CA GLY K 178 2.52 -10.70 -62.44
C GLY K 178 1.35 -11.66 -62.34
N LYS K 179 1.60 -12.96 -62.49
CA LYS K 179 0.53 -13.95 -62.50
C LYS K 179 0.33 -14.70 -61.20
N LEU K 180 -0.89 -14.83 -60.74
CA LEU K 180 -1.15 -15.63 -59.56
C LEU K 180 -0.82 -17.08 -59.88
N ARG K 181 -0.33 -17.85 -58.92
CA ARG K 181 -0.09 -19.28 -59.17
C ARG K 181 -1.36 -20.10 -59.06
N ASP K 182 -1.41 -21.35 -59.55
CA ASP K 182 -2.69 -22.08 -59.60
C ASP K 182 -3.39 -22.19 -58.23
N TYR K 183 -2.64 -22.45 -57.16
CA TYR K 183 -3.22 -22.46 -55.82
C TYR K 183 -3.71 -21.08 -55.36
N GLN K 184 -3.11 -20.00 -55.86
CA GLN K 184 -3.60 -18.67 -55.53
C GLN K 184 -4.92 -18.47 -56.30
N VAL K 185 -5.00 -18.88 -57.55
CA VAL K 185 -6.26 -18.85 -58.33
C VAL K 185 -7.37 -19.62 -57.63
N ARG K 186 -7.09 -20.85 -57.20
CA ARG K 186 -8.09 -21.65 -56.50
C ARG K 186 -8.49 -21.01 -55.17
N GLY K 187 -7.56 -20.35 -54.49
CA GLY K 187 -7.87 -19.66 -53.24
C GLY K 187 -8.77 -18.47 -53.50
N LEU K 188 -8.51 -17.70 -54.55
CA LEU K 188 -9.40 -16.60 -54.92
C LEU K 188 -10.83 -17.09 -55.20
N ASN K 189 -10.97 -18.14 -56.02
CA ASN K 189 -12.28 -18.70 -56.33
C ASN K 189 -13.01 -19.19 -55.07
N TRP K 190 -12.26 -19.70 -54.08
CA TRP K 190 -12.85 -20.10 -52.80
C TRP K 190 -13.30 -18.89 -51.97
N LEU K 191 -12.50 -17.84 -51.88
CA LEU K 191 -12.92 -16.60 -51.23
C LEU K 191 -14.17 -15.99 -51.89
N ILE K 192 -14.23 -15.95 -53.22
CA ILE K 192 -15.43 -15.50 -53.93
C ILE K 192 -16.62 -16.38 -53.58
N SER K 193 -16.45 -17.70 -53.53
CA SER K 193 -17.52 -18.61 -53.15
C SER K 193 -18.00 -18.38 -51.72
N LEU K 194 -17.12 -18.03 -50.78
CA LEU K 194 -17.56 -17.62 -49.45
C LEU K 194 -18.45 -16.38 -49.51
N TYR K 195 -18.05 -15.35 -50.27
CA TYR K 195 -18.83 -14.13 -50.42
C TYR K 195 -20.22 -14.39 -50.99
N GLU K 196 -20.31 -15.15 -52.08
CA GLU K 196 -21.58 -15.47 -52.73
C GLU K 196 -22.48 -16.37 -51.87
N ASN K 197 -21.91 -17.29 -51.06
CA ASN K 197 -22.65 -18.06 -50.06
C ASN K 197 -23.01 -17.23 -48.81
N GLY K 198 -22.44 -16.04 -48.64
CA GLY K 198 -22.71 -15.14 -47.51
C GLY K 198 -22.03 -15.56 -46.20
N ILE K 199 -20.79 -16.06 -46.27
CA ILE K 199 -20.06 -16.57 -45.09
C ILE K 199 -18.73 -15.87 -45.00
N ASN K 200 -18.03 -15.95 -43.86
CA ASN K 200 -16.79 -15.18 -43.65
C ASN K 200 -15.51 -16.00 -43.82
N GLY K 201 -15.18 -16.90 -42.90
CA GLY K 201 -14.03 -17.80 -43.09
C GLY K 201 -12.58 -17.45 -42.77
N ILE K 202 -11.68 -18.44 -42.86
CA ILE K 202 -10.25 -18.25 -42.54
C ILE K 202 -9.37 -18.78 -43.68
N LEU K 203 -8.40 -17.98 -44.14
CA LEU K 203 -7.38 -18.44 -45.09
C LEU K 203 -6.06 -18.64 -44.34
N ALA K 204 -5.57 -19.87 -44.31
CA ALA K 204 -4.50 -20.30 -43.42
C ALA K 204 -3.48 -21.22 -44.10
N ASP K 205 -3.13 -20.93 -45.35
CA ASP K 205 -1.96 -21.50 -46.00
C ASP K 205 -0.70 -21.40 -45.13
N GLU K 206 0.21 -22.37 -45.27
CA GLU K 206 1.50 -22.34 -44.58
C GLU K 206 2.27 -21.04 -44.88
N MET K 207 3.01 -20.52 -43.92
CA MET K 207 3.73 -19.27 -44.11
C MET K 207 4.51 -19.22 -45.41
N GLY K 208 4.88 -18.05 -45.87
CA GLY K 208 5.52 -17.92 -47.16
C GLY K 208 4.79 -18.27 -48.44
N LEU K 209 3.48 -18.50 -48.44
CA LEU K 209 2.76 -18.93 -49.64
C LEU K 209 1.97 -17.87 -50.40
N GLY K 210 2.11 -16.60 -50.09
CA GLY K 210 1.40 -15.54 -50.79
C GLY K 210 0.01 -15.17 -50.36
N LYS K 211 -0.37 -15.45 -49.12
CA LYS K 211 -1.67 -15.01 -48.63
C LYS K 211 -1.99 -13.55 -48.84
N THR K 212 -1.03 -12.65 -48.81
CA THR K 212 -1.29 -11.26 -49.08
C THR K 212 -1.81 -11.01 -50.49
N LEU K 213 -1.32 -11.71 -51.51
CA LEU K 213 -1.75 -11.40 -52.86
C LEU K 213 -3.11 -11.97 -53.04
N GLN K 214 -3.37 -13.15 -52.52
CA GLN K 214 -4.74 -13.68 -52.54
C GLN K 214 -5.75 -12.67 -51.98
N THR K 215 -5.39 -11.94 -50.92
CA THR K 215 -6.24 -10.92 -50.31
C THR K 215 -6.37 -9.69 -51.20
N ILE K 216 -5.26 -9.17 -51.75
CA ILE K 216 -5.30 -7.98 -52.62
C ILE K 216 -6.16 -8.27 -53.87
N SER K 217 -6.04 -9.47 -54.46
CA SER K 217 -6.85 -9.86 -55.60
C SER K 217 -8.36 -9.92 -55.29
N LEU K 218 -8.76 -10.37 -54.10
CA LEU K 218 -10.16 -10.37 -53.68
C LEU K 218 -10.77 -8.96 -53.69
N LEU K 219 -10.03 -7.98 -53.18
CA LEU K 219 -10.56 -6.64 -53.13
C LEU K 219 -10.70 -6.08 -54.54
N GLY K 220 -9.75 -6.31 -55.44
CA GLY K 220 -9.90 -5.93 -56.84
C GLY K 220 -11.18 -6.49 -57.47
N TYR K 221 -11.51 -7.74 -57.18
CA TYR K 221 -12.75 -8.37 -57.68
C TYR K 221 -14.01 -7.66 -57.17
N MET K 222 -14.01 -7.33 -55.89
CA MET K 222 -15.20 -6.76 -55.27
C MET K 222 -15.46 -5.39 -55.80
N LYS K 223 -14.50 -4.80 -56.48
CA LYS K 223 -14.72 -3.49 -57.10
C LYS K 223 -14.99 -3.63 -58.58
N HIS K 224 -14.15 -4.33 -59.28
CA HIS K 224 -14.30 -4.44 -60.74
C HIS K 224 -15.51 -5.26 -61.21
N TYR K 225 -16.00 -6.22 -60.43
CA TYR K 225 -17.06 -7.13 -60.87
C TYR K 225 -18.37 -6.97 -60.10
N ARG K 226 -18.28 -6.64 -58.80
CA ARG K 226 -19.48 -6.39 -57.99
C ARG K 226 -19.77 -4.90 -57.85
N ASN K 227 -18.89 -4.04 -58.37
CA ASN K 227 -19.09 -2.58 -58.32
C ASN K 227 -19.25 -2.09 -56.88
N ILE K 228 -18.34 -2.50 -56.00
CA ILE K 228 -18.40 -2.11 -54.58
C ILE K 228 -17.09 -1.38 -54.36
N PRO K 229 -17.08 -0.05 -54.44
CA PRO K 229 -15.84 0.66 -54.12
C PRO K 229 -15.86 1.09 -52.68
N GLY K 230 -16.76 0.54 -51.88
CA GLY K 230 -16.95 1.00 -50.51
C GLY K 230 -15.79 0.76 -49.59
N PRO K 231 -15.82 1.40 -48.39
CA PRO K 231 -14.63 1.30 -47.54
C PRO K 231 -14.28 -0.09 -47.05
N HIS K 232 -12.99 -0.44 -47.05
CA HIS K 232 -12.52 -1.74 -46.56
C HIS K 232 -11.41 -1.46 -45.57
N MET K 233 -11.19 -2.31 -44.57
CA MET K 233 -10.16 -2.08 -43.54
C MET K 233 -9.22 -3.22 -43.44
N VAL K 234 -7.94 -2.98 -43.16
CA VAL K 234 -7.01 -4.04 -42.93
C VAL K 234 -6.26 -3.75 -41.62
N LEU K 235 -6.18 -4.68 -40.68
CA LEU K 235 -5.39 -4.55 -39.45
C LEU K 235 -4.11 -5.37 -39.54
N VAL K 236 -2.97 -4.78 -39.22
CA VAL K 236 -1.67 -5.46 -39.34
C VAL K 236 -0.71 -5.22 -38.17
N PRO K 237 0.35 -6.04 -38.07
CA PRO K 237 1.35 -5.70 -37.07
C PRO K 237 2.13 -4.50 -37.57
N LYS K 238 2.71 -3.68 -36.71
CA LYS K 238 3.38 -2.47 -37.12
C LYS K 238 4.51 -2.69 -38.05
N SER K 239 5.14 -3.85 -38.03
CA SER K 239 6.33 -4.02 -38.82
C SER K 239 6.03 -4.40 -40.23
N THR K 240 4.76 -4.57 -40.58
CA THR K 240 4.39 -4.98 -41.92
C THR K 240 3.54 -3.92 -42.64
N LEU K 241 3.50 -2.69 -42.14
CA LEU K 241 2.61 -1.71 -42.73
C LEU K 241 3.14 -1.20 -44.02
N HIS K 242 4.44 -1.26 -44.20
CA HIS K 242 5.03 -0.71 -45.40
C HIS K 242 5.12 -1.75 -46.48
N ASN K 243 4.94 -3.03 -46.14
CA ASN K 243 4.95 -4.06 -47.15
C ASN K 243 3.59 -4.08 -47.76
N TRP K 244 2.55 -4.14 -46.94
CA TRP K 244 1.21 -4.23 -47.47
C TRP K 244 1.03 -3.10 -48.46
N MET K 245 1.44 -1.89 -48.08
CA MET K 245 1.19 -0.74 -48.93
C MET K 245 1.89 -0.87 -50.23
N SER K 246 3.11 -1.36 -50.22
CA SER K 246 3.85 -1.53 -51.43
C SER K 246 3.15 -2.50 -52.32
N GLU K 247 2.57 -3.57 -51.79
CA GLU K 247 2.01 -4.56 -52.70
C GLU K 247 0.73 -4.03 -53.31
N PHE K 248 -0.12 -3.36 -52.55
CA PHE K 248 -1.27 -2.70 -53.17
C PHE K 248 -0.84 -1.89 -54.38
N LYS K 249 0.17 -1.04 -54.22
CA LYS K 249 0.69 -0.19 -55.31
C LYS K 249 1.19 -1.03 -56.49
N ARG K 250 1.67 -2.25 -56.26
CA ARG K 250 2.22 -3.04 -57.34
C ARG K 250 1.24 -3.90 -58.11
N TRP K 251 0.56 -4.84 -57.47
CA TRP K 251 -0.28 -5.76 -58.21
C TRP K 251 -1.57 -5.11 -58.72
N VAL K 252 -2.31 -4.33 -57.92
CA VAL K 252 -3.64 -3.83 -58.31
C VAL K 252 -3.72 -2.31 -58.08
N PRO K 253 -3.20 -1.49 -59.01
CA PRO K 253 -3.10 -0.04 -58.84
C PRO K 253 -4.45 0.71 -58.86
N THR K 254 -5.54 0.05 -59.22
CA THR K 254 -6.90 0.64 -59.26
C THR K 254 -7.59 0.74 -57.88
N LEU K 255 -6.97 0.16 -56.86
CA LEU K 255 -7.50 0.34 -55.52
C LEU K 255 -6.86 1.60 -54.98
N ARG K 256 -7.56 2.35 -54.15
CA ARG K 256 -7.11 3.61 -53.55
C ARG K 256 -6.84 3.39 -52.07
N SER K 257 -5.70 2.82 -51.74
CA SER K 257 -5.25 2.48 -50.39
C SER K 257 -4.69 3.70 -49.65
N VAL K 258 -5.04 3.85 -48.38
CA VAL K 258 -4.51 4.88 -47.46
C VAL K 258 -4.08 4.26 -46.13
N CYS K 259 -3.07 4.88 -45.47
CA CYS K 259 -2.48 4.34 -44.23
C CYS K 259 -2.40 5.27 -43.02
N LEU K 260 -2.97 4.88 -41.85
CA LEU K 260 -2.95 5.70 -40.62
C LEU K 260 -1.80 5.29 -39.74
N ILE K 261 -0.94 6.24 -39.31
CA ILE K 261 0.17 5.95 -38.40
C ILE K 261 0.75 7.29 -37.98
N GLY K 262 1.44 7.36 -36.84
CA GLY K 262 2.12 8.58 -36.41
C GLY K 262 1.74 9.22 -35.08
N ASP K 263 2.30 10.39 -34.72
CA ASP K 263 1.98 11.14 -33.52
C ASP K 263 0.54 11.70 -33.51
N LYS K 264 0.01 12.13 -32.36
CA LYS K 264 -1.35 12.66 -32.20
C LYS K 264 -1.71 13.71 -33.26
N GLU K 265 -0.84 14.70 -33.49
CA GLU K 265 -1.04 15.71 -34.54
C GLU K 265 -1.14 15.10 -35.95
N GLN K 266 -0.28 14.14 -36.28
CA GLN K 266 -0.34 13.45 -37.57
C GLN K 266 -1.63 12.65 -37.73
N ARG K 267 -2.11 11.96 -36.69
CA ARG K 267 -3.38 11.21 -36.74
C ARG K 267 -4.57 12.16 -36.89
N ALA K 268 -4.60 13.25 -36.14
CA ALA K 268 -5.62 14.28 -36.28
C ALA K 268 -5.62 14.91 -37.69
N ALA K 269 -4.46 15.26 -38.21
CA ALA K 269 -4.33 15.79 -39.57
C ALA K 269 -4.80 14.80 -40.64
N PHE K 270 -4.37 13.53 -40.59
CA PHE K 270 -4.81 12.49 -41.51
C PHE K 270 -6.33 12.22 -41.42
N VAL K 271 -6.87 12.10 -40.20
CA VAL K 271 -8.32 11.92 -40.02
C VAL K 271 -9.08 13.07 -40.68
N ARG K 272 -8.72 14.31 -40.34
CA ARG K 272 -9.36 15.53 -40.84
C ARG K 272 -9.22 15.71 -42.36
N ASP K 273 -8.03 15.49 -42.90
CA ASP K 273 -7.68 15.92 -44.26
C ASP K 273 -7.69 14.81 -45.31
N VAL K 274 -7.85 13.55 -44.90
CA VAL K 274 -7.73 12.39 -45.82
C VAL K 274 -8.82 11.36 -45.57
N LEU K 275 -8.95 10.86 -44.33
CA LEU K 275 -9.93 9.83 -44.03
C LEU K 275 -11.37 10.33 -44.22
N LEU K 276 -11.79 11.34 -43.45
CA LEU K 276 -13.18 11.78 -43.49
C LEU K 276 -13.61 12.30 -44.87
N PRO K 277 -12.68 12.89 -45.67
CA PRO K 277 -13.10 13.24 -47.04
C PRO K 277 -13.74 12.12 -47.84
N GLY K 278 -13.33 10.87 -47.64
CA GLY K 278 -13.94 9.75 -48.33
C GLY K 278 -13.48 9.64 -49.78
N GLU K 279 -12.19 9.86 -50.06
CA GLU K 279 -11.62 9.72 -51.41
C GLU K 279 -10.82 8.44 -51.58
N TRP K 280 -11.07 7.40 -50.76
CA TRP K 280 -10.24 6.20 -50.75
C TRP K 280 -11.12 4.97 -50.61
N ASP K 281 -10.62 3.79 -50.97
CA ASP K 281 -11.38 2.56 -50.78
C ASP K 281 -10.79 1.47 -49.87
N VAL K 282 -9.50 1.51 -49.51
CA VAL K 282 -8.94 0.57 -48.53
C VAL K 282 -8.24 1.39 -47.48
N CYS K 283 -8.39 1.06 -46.20
CA CYS K 283 -7.67 1.74 -45.13
C CYS K 283 -6.81 0.74 -44.37
N VAL K 284 -5.52 0.99 -44.26
CA VAL K 284 -4.55 0.09 -43.62
C VAL K 284 -4.09 0.68 -42.29
N THR K 285 -4.12 -0.09 -41.19
CA THR K 285 -3.81 0.41 -39.85
C THR K 285 -3.11 -0.63 -38.98
N SER K 286 -2.39 -0.21 -37.94
CA SER K 286 -1.91 -1.14 -36.90
C SER K 286 -2.95 -1.38 -35.80
N TYR K 287 -2.73 -2.38 -34.96
CA TYR K 287 -3.64 -2.65 -33.87
C TYR K 287 -3.67 -1.53 -32.83
N GLU K 288 -2.57 -0.82 -32.64
CA GLU K 288 -2.50 0.32 -31.74
C GLU K 288 -3.23 1.52 -32.32
N MET K 289 -3.09 1.76 -33.62
CA MET K 289 -3.79 2.85 -34.28
C MET K 289 -5.30 2.63 -34.24
N LEU K 290 -5.79 1.40 -34.37
CA LEU K 290 -7.20 1.11 -34.15
C LEU K 290 -7.64 1.39 -32.71
N ILE K 291 -6.90 0.92 -31.70
CA ILE K 291 -7.24 1.13 -30.29
C ILE K 291 -7.27 2.63 -29.95
N LYS K 292 -6.38 3.44 -30.53
CA LYS K 292 -6.39 4.90 -30.38
C LYS K 292 -7.57 5.57 -31.09
N GLU K 293 -7.81 5.29 -32.36
CA GLU K 293 -8.82 5.97 -33.18
C GLU K 293 -10.17 5.23 -33.28
N LYS K 294 -10.51 4.38 -32.30
CA LYS K 294 -11.72 3.54 -32.32
C LYS K 294 -13.01 4.33 -32.52
N SER K 295 -13.11 5.51 -31.93
CA SER K 295 -14.29 6.37 -32.04
C SER K 295 -14.44 7.02 -33.42
N VAL K 296 -13.34 7.22 -34.18
CA VAL K 296 -13.40 7.71 -35.56
C VAL K 296 -13.84 6.58 -36.47
N PHE K 297 -13.19 5.43 -36.40
CA PHE K 297 -13.45 4.33 -37.32
C PHE K 297 -14.85 3.72 -37.16
N LYS K 298 -15.46 3.76 -35.97
CA LYS K 298 -16.86 3.31 -35.79
C LYS K 298 -17.91 4.20 -36.48
N LYS K 299 -17.54 5.38 -36.96
CA LYS K 299 -18.48 6.21 -37.69
C LYS K 299 -18.80 5.50 -38.97
N PHE K 300 -17.77 5.09 -39.70
CA PHE K 300 -17.96 4.50 -41.03
C PHE K 300 -18.66 3.16 -41.01
N ASN K 301 -19.31 2.80 -42.12
CA ASN K 301 -19.93 1.48 -42.25
C ASN K 301 -18.99 0.78 -43.19
N TRP K 302 -18.43 -0.36 -42.79
CA TRP K 302 -17.41 -1.02 -43.59
C TRP K 302 -17.91 -2.19 -44.40
N ARG K 303 -17.32 -2.41 -45.58
CA ARG K 303 -17.69 -3.54 -46.41
C ARG K 303 -16.87 -4.81 -46.13
N TYR K 304 -15.63 -4.68 -45.72
CA TYR K 304 -14.81 -5.84 -45.38
C TYR K 304 -13.89 -5.52 -44.24
N LEU K 305 -13.64 -6.45 -43.31
CA LEU K 305 -12.70 -6.24 -42.22
C LEU K 305 -11.73 -7.39 -42.27
N VAL K 306 -10.50 -7.14 -42.69
CA VAL K 306 -9.45 -8.16 -42.75
C VAL K 306 -8.51 -7.98 -41.59
N ILE K 307 -8.26 -9.03 -40.81
CA ILE K 307 -7.30 -8.99 -39.72
C ILE K 307 -6.21 -9.92 -40.22
N ASP K 308 -4.93 -9.62 -40.00
CA ASP K 308 -3.82 -10.47 -40.42
C ASP K 308 -3.09 -10.84 -39.17
N GLU K 309 -2.42 -11.99 -39.12
CA GLU K 309 -1.85 -12.48 -37.88
C GLU K 309 -3.00 -12.48 -36.92
N ALA K 310 -4.05 -13.19 -37.26
CA ALA K 310 -5.25 -13.26 -36.44
C ALA K 310 -5.07 -13.96 -35.11
N HIS K 311 -3.97 -14.66 -34.91
CA HIS K 311 -3.70 -15.25 -33.59
C HIS K 311 -3.68 -14.17 -32.51
N ARG K 312 -3.44 -12.91 -32.86
CA ARG K 312 -3.44 -11.80 -31.90
C ARG K 312 -4.76 -11.66 -31.12
N ILE K 313 -5.90 -12.05 -31.70
CA ILE K 313 -7.22 -11.94 -31.06
C ILE K 313 -7.72 -13.22 -30.39
N LYS K 314 -6.82 -14.20 -30.16
CA LYS K 314 -7.18 -15.50 -29.58
C LYS K 314 -7.81 -15.48 -28.21
N ASN K 315 -7.47 -14.49 -27.41
CA ASN K 315 -8.09 -14.31 -26.09
C ASN K 315 -9.24 -13.30 -26.24
N GLU K 316 -10.48 -13.77 -26.11
CA GLU K 316 -11.66 -12.92 -26.32
C GLU K 316 -11.78 -11.77 -25.31
N LYS K 317 -11.20 -11.90 -24.11
CA LYS K 317 -11.20 -10.83 -23.08
C LYS K 317 -10.19 -9.71 -23.36
N SER K 318 -9.29 -9.84 -24.34
CA SER K 318 -8.34 -8.78 -24.72
C SER K 318 -9.07 -7.57 -25.27
N LYS K 319 -8.58 -6.35 -25.01
CA LYS K 319 -9.27 -5.12 -25.41
C LYS K 319 -9.42 -4.98 -26.92
N LEU K 320 -8.44 -5.40 -27.71
CA LEU K 320 -8.60 -5.44 -29.17
C LEU K 320 -9.77 -6.35 -29.58
N SER K 321 -9.95 -7.51 -28.94
CA SER K 321 -11.01 -8.46 -29.30
C SER K 321 -12.40 -7.92 -29.02
N GLU K 322 -12.58 -7.20 -27.92
CA GLU K 322 -13.81 -6.48 -27.62
C GLU K 322 -14.07 -5.36 -28.62
N ILE K 323 -13.11 -4.44 -28.80
CA ILE K 323 -13.22 -3.30 -29.73
C ILE K 323 -13.62 -3.77 -31.13
N VAL K 324 -12.99 -4.82 -31.65
CA VAL K 324 -13.20 -5.35 -33.00
C VAL K 324 -14.61 -5.91 -33.24
N ARG K 325 -15.30 -6.34 -32.19
CA ARG K 325 -16.69 -6.84 -32.34
C ARG K 325 -17.78 -5.75 -32.34
N GLU K 326 -17.39 -4.48 -32.15
CA GLU K 326 -18.36 -3.35 -32.12
C GLU K 326 -18.54 -2.71 -33.49
N PHE K 327 -17.78 -3.14 -34.50
CA PHE K 327 -17.80 -2.52 -35.83
C PHE K 327 -18.93 -3.00 -36.74
N LYS K 328 -19.39 -2.09 -37.62
CA LYS K 328 -20.43 -2.41 -38.60
C LYS K 328 -19.69 -2.93 -39.80
N THR K 329 -19.84 -4.20 -40.15
CA THR K 329 -19.08 -4.83 -41.23
C THR K 329 -19.93 -5.83 -41.99
N THR K 330 -20.05 -5.66 -43.31
CA THR K 330 -20.78 -6.66 -44.10
C THR K 330 -20.02 -7.98 -44.12
N ASN K 331 -18.69 -7.93 -44.20
CA ASN K 331 -17.86 -9.15 -44.29
C ASN K 331 -16.62 -9.18 -43.38
N ARG K 332 -16.19 -10.36 -42.94
CA ARG K 332 -15.05 -10.47 -42.02
C ARG K 332 -14.10 -11.50 -42.59
N LEU K 333 -12.82 -11.37 -42.27
CA LEU K 333 -11.83 -12.29 -42.79
C LEU K 333 -10.62 -12.40 -41.88
N LEU K 334 -10.13 -13.62 -41.65
CA LEU K 334 -8.90 -13.82 -40.87
C LEU K 334 -7.80 -14.41 -41.76
N LEU K 335 -6.57 -13.91 -41.65
CA LEU K 335 -5.44 -14.50 -42.35
C LEU K 335 -4.51 -14.92 -41.21
N THR K 336 -4.03 -16.16 -41.19
CA THR K 336 -3.06 -16.60 -40.18
C THR K 336 -2.45 -17.91 -40.64
N GLY K 337 -1.16 -18.17 -40.49
CA GLY K 337 -0.63 -19.48 -40.85
C GLY K 337 -0.47 -20.42 -39.66
N THR K 338 -0.85 -19.99 -38.46
CA THR K 338 -0.77 -20.80 -37.26
C THR K 338 -2.15 -20.81 -36.67
N PRO K 339 -3.14 -21.35 -37.39
CA PRO K 339 -4.49 -21.21 -36.85
C PRO K 339 -4.69 -21.81 -35.47
N LEU K 340 -3.98 -22.90 -35.14
CA LEU K 340 -4.03 -23.46 -33.78
C LEU K 340 -2.86 -22.86 -33.00
N GLN K 341 -3.05 -22.53 -31.71
CA GLN K 341 -1.99 -21.95 -30.87
C GLN K 341 -1.71 -22.83 -29.63
N ASN K 342 -2.61 -22.84 -28.64
CA ASN K 342 -2.45 -23.67 -27.43
C ASN K 342 -3.66 -24.56 -27.05
N ASN K 343 -4.90 -24.12 -27.27
CA ASN K 343 -6.09 -24.89 -26.88
C ASN K 343 -7.31 -24.66 -27.80
N LEU K 344 -8.32 -25.55 -27.72
CA LEU K 344 -9.52 -25.41 -28.53
C LEU K 344 -10.35 -24.13 -28.24
N HIS K 345 -10.25 -23.55 -27.04
CA HIS K 345 -10.93 -22.28 -26.73
C HIS K 345 -10.31 -21.09 -27.47
N GLU K 346 -8.99 -21.15 -27.71
CA GLU K 346 -8.31 -20.06 -28.42
C GLU K 346 -8.58 -20.10 -29.92
N LEU K 347 -9.23 -21.15 -30.41
CA LEU K 347 -9.63 -21.25 -31.82
C LEU K 347 -11.09 -20.93 -31.82
N TRP K 348 -11.84 -21.37 -30.83
CA TRP K 348 -13.23 -20.92 -30.75
C TRP K 348 -13.36 -19.40 -30.73
N SER K 349 -12.44 -18.72 -30.06
CA SER K 349 -12.43 -17.26 -29.96
C SER K 349 -12.30 -16.57 -31.31
N LEU K 350 -11.78 -17.25 -32.33
CA LEU K 350 -11.71 -16.71 -33.69
C LEU K 350 -13.00 -16.98 -34.41
N LEU K 351 -13.54 -18.18 -34.28
CA LEU K 351 -14.84 -18.53 -34.87
C LEU K 351 -15.96 -17.63 -34.35
N ASN K 352 -15.92 -17.24 -33.08
CA ASN K 352 -16.89 -16.32 -32.49
C ASN K 352 -16.78 -14.87 -33.00
N PHE K 353 -15.66 -14.44 -33.59
CA PHE K 353 -15.62 -13.19 -34.36
C PHE K 353 -16.29 -13.38 -35.74
N LEU K 354 -16.01 -14.49 -36.43
CA LEU K 354 -16.50 -14.72 -37.78
C LEU K 354 -18.02 -14.93 -37.85
N LEU K 355 -18.55 -15.86 -37.07
CA LEU K 355 -19.95 -16.29 -37.11
C LEU K 355 -20.48 -16.44 -35.67
N PRO K 356 -20.66 -15.31 -34.93
CA PRO K 356 -21.03 -15.31 -33.52
C PRO K 356 -22.40 -15.97 -33.26
N ASP K 357 -23.28 -15.91 -34.26
CA ASP K 357 -24.62 -16.50 -34.28
C ASP K 357 -24.62 -18.00 -34.60
N VAL K 358 -23.50 -18.57 -35.06
CA VAL K 358 -23.31 -20.02 -35.24
C VAL K 358 -22.66 -20.64 -34.01
N PHE K 359 -21.47 -20.12 -33.63
CA PHE K 359 -20.69 -20.68 -32.52
C PHE K 359 -21.11 -19.84 -31.35
N ASN K 360 -22.33 -20.05 -30.88
CA ASN K 360 -22.87 -19.22 -29.82
C ASN K 360 -22.06 -19.28 -28.53
N SER K 361 -21.45 -20.44 -28.25
CA SER K 361 -20.69 -20.59 -27.02
C SER K 361 -19.53 -21.58 -27.08
N ALA K 362 -18.54 -21.42 -26.17
CA ALA K 362 -17.46 -22.39 -26.06
C ALA K 362 -17.91 -23.71 -25.43
N ASP K 363 -18.97 -23.67 -24.61
CA ASP K 363 -19.63 -24.85 -24.05
C ASP K 363 -20.42 -25.63 -25.12
N ASP K 364 -20.81 -24.97 -26.21
CA ASP K 364 -21.40 -25.61 -27.38
C ASP K 364 -20.34 -26.10 -28.36
N PHE K 365 -19.19 -25.42 -28.41
CA PHE K 365 -18.09 -25.86 -29.26
C PHE K 365 -17.50 -27.06 -28.57
N ASP K 366 -17.53 -27.09 -27.23
CA ASP K 366 -17.09 -28.27 -26.50
C ASP K 366 -18.13 -29.29 -26.84
N SER K 367 -17.79 -30.58 -26.98
CA SER K 367 -18.72 -31.65 -27.42
C SER K 367 -18.84 -31.73 -28.95
N TRP K 368 -19.08 -30.62 -29.64
CA TRP K 368 -19.08 -30.65 -31.12
C TRP K 368 -17.71 -31.14 -31.54
N PHE K 369 -16.64 -30.62 -30.92
CA PHE K 369 -15.28 -30.98 -31.31
C PHE K 369 -15.15 -30.88 -32.83
N GLU K 382 -12.03 -37.59 -33.03
CA GLU K 382 -12.19 -38.11 -34.39
C GLU K 382 -13.08 -37.20 -35.21
N ARG K 383 -13.53 -36.08 -34.63
CA ARG K 383 -14.36 -35.11 -35.36
C ARG K 383 -13.33 -34.23 -36.04
N LEU K 384 -12.55 -34.79 -36.97
CA LEU K 384 -11.45 -34.06 -37.56
C LEU K 384 -11.92 -33.43 -38.84
N HIS K 385 -11.76 -32.10 -39.02
CA HIS K 385 -12.14 -31.39 -40.26
C HIS K 385 -13.64 -31.24 -40.51
N MET K 386 -14.51 -31.77 -39.67
CA MET K 386 -15.94 -31.72 -39.95
C MET K 386 -16.40 -30.28 -39.77
N VAL K 387 -16.07 -29.66 -38.63
CA VAL K 387 -16.44 -28.28 -38.36
C VAL K 387 -15.60 -27.35 -39.21
N LEU K 388 -14.33 -27.66 -39.34
CA LEU K 388 -13.40 -26.79 -40.08
C LEU K 388 -13.57 -26.63 -41.57
N ARG K 389 -13.93 -27.67 -42.29
CA ARG K 389 -13.92 -27.58 -43.76
C ARG K 389 -14.83 -26.50 -44.34
N PRO K 390 -16.01 -26.30 -43.76
CA PRO K 390 -16.79 -25.20 -44.34
C PRO K 390 -16.12 -23.84 -44.22
N PHE K 391 -15.48 -23.53 -43.10
CA PHE K 391 -14.90 -22.20 -42.86
C PHE K 391 -13.38 -22.05 -42.85
N LEU K 392 -12.63 -23.06 -43.29
CA LEU K 392 -11.16 -22.99 -43.29
C LEU K 392 -10.55 -23.61 -44.52
N LEU K 393 -9.44 -23.06 -45.02
CA LEU K 393 -8.72 -23.68 -46.14
C LEU K 393 -7.25 -23.62 -45.81
N ARG K 394 -6.52 -24.74 -45.94
CA ARG K 394 -5.08 -24.74 -45.73
C ARG K 394 -4.29 -25.52 -46.76
N ARG K 395 -3.14 -25.04 -47.25
CA ARG K 395 -2.28 -25.82 -48.14
C ARG K 395 -0.87 -25.75 -47.60
N ILE K 396 -0.05 -26.76 -47.87
CA ILE K 396 1.30 -26.82 -47.31
C ILE K 396 2.36 -26.71 -48.42
N LYS K 397 3.50 -26.07 -48.14
CA LYS K 397 4.55 -25.85 -49.15
C LYS K 397 5.03 -27.16 -49.77
N ALA K 398 5.13 -28.21 -48.95
CA ALA K 398 5.50 -29.55 -49.36
C ALA K 398 4.56 -30.18 -50.42
N ASP K 399 3.30 -29.77 -50.50
CA ASP K 399 2.37 -30.17 -51.55
C ASP K 399 2.38 -29.20 -52.74
N VAL K 400 2.29 -27.89 -52.51
CA VAL K 400 1.98 -26.92 -53.56
C VAL K 400 3.20 -26.24 -54.19
N GLU K 401 4.37 -26.30 -53.55
CA GLU K 401 5.64 -25.80 -54.11
C GLU K 401 6.75 -26.85 -54.01
N LYS K 402 6.67 -27.87 -54.87
CA LYS K 402 7.66 -28.95 -54.96
C LYS K 402 9.08 -28.45 -55.26
N SER K 403 9.23 -27.25 -55.83
CA SER K 403 10.52 -26.64 -56.15
C SER K 403 11.23 -26.01 -54.95
N LEU K 404 10.54 -25.64 -53.86
CA LEU K 404 11.18 -25.05 -52.69
C LEU K 404 11.92 -26.12 -51.86
N PRO K 405 13.23 -25.97 -51.56
CA PRO K 405 13.97 -26.93 -50.74
C PRO K 405 13.42 -27.02 -49.31
N PRO K 406 13.14 -28.22 -48.76
CA PRO K 406 12.73 -28.38 -47.37
C PRO K 406 13.77 -27.92 -46.34
N LYS K 407 13.34 -27.57 -45.12
CA LYS K 407 14.22 -27.15 -44.00
C LYS K 407 15.05 -28.30 -43.43
N LYS K 408 16.24 -27.98 -42.93
CA LYS K 408 17.06 -28.86 -42.07
C LYS K 408 17.12 -28.30 -40.65
N GLU K 409 16.82 -29.13 -39.66
CA GLU K 409 16.77 -28.73 -38.25
C GLU K 409 17.83 -29.45 -37.40
N VAL K 410 18.66 -28.70 -36.67
CA VAL K 410 19.76 -29.21 -35.82
C VAL K 410 19.63 -28.66 -34.40
N LYS K 411 19.47 -29.54 -33.41
CA LYS K 411 19.69 -29.22 -31.99
C LYS K 411 21.17 -29.28 -31.67
N ILE K 412 21.72 -28.25 -31.03
CA ILE K 412 23.07 -28.28 -30.46
C ILE K 412 22.97 -28.18 -28.94
N TYR K 413 23.25 -29.29 -28.25
CA TYR K 413 23.33 -29.31 -26.80
C TYR K 413 24.68 -28.76 -26.34
N VAL K 414 24.70 -27.89 -25.34
CA VAL K 414 25.91 -27.22 -24.82
C VAL K 414 25.99 -27.36 -23.30
N GLY K 415 27.19 -27.50 -22.76
CA GLY K 415 27.44 -27.40 -21.32
C GLY K 415 27.50 -25.94 -20.85
N LEU K 416 27.29 -25.72 -19.55
CA LEU K 416 27.54 -24.44 -18.89
C LEU K 416 29.04 -24.14 -18.78
N SER K 417 29.43 -22.86 -18.78
CA SER K 417 30.76 -22.46 -18.30
C SER K 417 30.91 -22.71 -16.80
N LYS K 418 32.14 -22.72 -16.28
CA LYS K 418 32.35 -22.83 -14.82
C LYS K 418 31.67 -21.69 -14.04
N MET K 419 31.68 -20.47 -14.58
CA MET K 419 30.96 -19.35 -13.97
C MET K 419 29.44 -19.55 -13.99
N GLN K 420 28.90 -20.02 -15.11
CA GLN K 420 27.49 -20.31 -15.15
C GLN K 420 27.11 -21.43 -14.18
N ARG K 421 27.99 -22.42 -13.99
CA ARG K 421 27.71 -23.52 -13.09
C ARG K 421 27.69 -22.98 -11.66
N GLU K 422 28.54 -22.00 -11.37
CA GLU K 422 28.56 -21.39 -10.04
C GLU K 422 27.27 -20.62 -9.79
N TRP K 423 26.92 -19.66 -10.66
CA TRP K 423 25.69 -18.88 -10.51
C TRP K 423 24.43 -19.76 -10.48
N TYR K 424 24.31 -20.75 -11.36
CA TYR K 424 23.16 -21.65 -11.40
C TYR K 424 22.98 -22.40 -10.08
N THR K 425 24.07 -22.73 -9.38
CA THR K 425 23.93 -23.36 -8.07
C THR K 425 23.60 -22.34 -6.99
N ARG K 426 24.23 -21.17 -7.00
CA ARG K 426 23.90 -20.17 -6.00
C ARG K 426 22.46 -19.65 -6.16
N ILE K 427 21.98 -19.54 -7.39
CA ILE K 427 20.60 -19.08 -7.62
C ILE K 427 19.62 -20.08 -7.01
N LEU K 428 19.88 -21.36 -7.20
CA LEU K 428 18.99 -22.39 -6.64
C LEU K 428 18.98 -22.34 -5.13
N MET K 429 20.15 -22.18 -4.52
CA MET K 429 20.25 -22.04 -3.07
C MET K 429 19.57 -20.74 -2.67
N LYS K 430 19.49 -19.75 -3.56
CA LYS K 430 18.91 -18.43 -3.25
C LYS K 430 19.83 -17.62 -2.37
N ASP K 431 21.14 -17.80 -2.55
CA ASP K 431 22.12 -17.03 -1.80
C ASP K 431 22.90 -16.25 -2.84
N ILE K 432 22.20 -15.55 -3.74
CA ILE K 432 22.89 -14.80 -4.79
C ILE K 432 23.69 -13.70 -4.13
N ASP K 433 23.13 -13.07 -3.10
CA ASP K 433 23.79 -11.95 -2.45
C ASP K 433 23.80 -10.77 -3.46
N ILE K 434 24.94 -10.29 -3.95
CA ILE K 434 24.99 -9.13 -4.87
C ILE K 434 24.35 -7.80 -4.41
N LEU K 435 25.16 -6.84 -3.99
CA LEU K 435 24.65 -5.50 -3.67
C LEU K 435 25.80 -4.57 -4.06
N ASN K 436 25.55 -3.60 -4.93
CA ASN K 436 26.63 -2.75 -5.42
C ASN K 436 26.93 -1.70 -4.35
N SER K 437 25.91 -1.25 -3.60
CA SER K 437 26.12 -0.32 -2.50
C SER K 437 26.51 -1.00 -1.20
N ALA K 438 27.70 -1.63 -1.18
CA ALA K 438 28.21 -2.30 0.03
C ALA K 438 27.18 -3.18 0.74
N GLY K 439 26.88 -2.96 2.03
CA GLY K 439 25.95 -3.80 2.75
C GLY K 439 26.32 -5.26 2.71
N LYS K 440 27.62 -5.62 2.73
CA LYS K 440 28.08 -7.01 2.62
C LYS K 440 27.33 -7.83 1.57
N MET K 441 27.06 -7.24 0.41
CA MET K 441 26.33 -7.92 -0.69
C MET K 441 24.82 -8.18 -0.45
N ASP K 442 24.31 -7.93 0.77
CA ASP K 442 22.90 -8.09 1.09
C ASP K 442 22.29 -9.39 0.51
N LYS K 443 21.12 -9.34 -0.15
CA LYS K 443 20.55 -10.52 -0.79
C LYS K 443 19.79 -9.98 -1.98
N MET K 444 19.73 -10.75 -3.06
CA MET K 444 18.96 -10.36 -4.23
C MET K 444 17.66 -11.10 -4.00
N ARG K 445 16.52 -10.47 -4.28
CA ARG K 445 15.25 -11.20 -4.15
C ARG K 445 14.95 -12.14 -5.29
N LEU K 446 14.31 -13.30 -4.99
CA LEU K 446 13.96 -14.28 -6.02
C LEU K 446 12.52 -14.86 -5.89
N LEU K 447 11.49 -14.05 -6.15
CA LEU K 447 10.08 -14.49 -6.13
C LEU K 447 9.70 -15.41 -7.31
N ASN K 448 10.46 -15.35 -8.40
CA ASN K 448 10.36 -16.23 -9.56
C ASN K 448 11.77 -16.75 -9.87
N ILE K 449 12.10 -17.99 -9.53
CA ILE K 449 13.47 -18.48 -9.75
C ILE K 449 13.63 -18.94 -11.20
N LEU K 450 12.57 -19.42 -11.81
CA LEU K 450 12.62 -19.95 -13.17
C LEU K 450 13.25 -18.94 -14.15
N MET K 451 12.82 -17.68 -14.11
CA MET K 451 13.36 -16.63 -14.97
C MET K 451 14.86 -16.35 -14.69
N GLN K 452 15.30 -16.42 -13.45
CA GLN K 452 16.71 -16.26 -13.09
C GLN K 452 17.57 -17.37 -13.69
N LEU K 453 17.12 -18.63 -13.60
CA LEU K 453 17.80 -19.77 -14.20
C LEU K 453 17.88 -19.61 -15.72
N ARG K 454 16.80 -19.16 -16.37
CA ARG K 454 16.76 -18.93 -17.83
C ARG K 454 17.75 -17.83 -18.27
N LYS K 455 17.84 -16.76 -17.51
CA LYS K 455 18.79 -15.70 -17.79
C LYS K 455 20.17 -16.24 -17.78
N CYS K 456 20.50 -16.98 -16.74
CA CYS K 456 21.86 -17.49 -16.57
C CYS K 456 22.31 -18.34 -17.71
N CYS K 457 21.44 -19.16 -18.23
CA CYS K 457 21.82 -20.02 -19.29
C CYS K 457 22.27 -19.21 -20.49
N ASN K 458 21.58 -18.14 -20.80
CA ASN K 458 21.97 -17.29 -21.90
C ASN K 458 23.29 -16.56 -21.70
N HIS K 459 23.49 -15.87 -20.57
CA HIS K 459 24.78 -15.25 -20.27
C HIS K 459 24.87 -14.88 -18.82
N PRO K 460 26.05 -15.00 -18.21
CA PRO K 460 26.19 -14.56 -16.82
C PRO K 460 26.18 -13.07 -16.64
N TYR K 461 26.56 -12.31 -17.67
CA TYR K 461 26.69 -10.87 -17.52
C TYR K 461 25.36 -10.16 -17.36
N LEU K 462 24.25 -10.84 -17.63
CA LEU K 462 22.94 -10.24 -17.47
C LEU K 462 22.77 -9.85 -16.03
N PHE K 463 23.34 -10.63 -15.11
CA PHE K 463 23.26 -10.34 -13.67
C PHE K 463 24.13 -9.16 -13.27
N ASP K 464 23.79 -8.50 -12.17
CA ASP K 464 24.53 -7.34 -11.70
C ASP K 464 25.87 -7.71 -11.07
N GLY K 465 26.89 -6.88 -11.28
CA GLY K 465 28.20 -7.12 -10.69
C GLY K 465 28.89 -8.38 -11.16
N ALA K 466 28.35 -9.06 -12.17
CA ALA K 466 28.92 -10.32 -12.63
C ALA K 466 30.10 -10.16 -13.60
N GLU K 467 30.03 -9.19 -14.52
CA GLU K 467 31.13 -8.96 -15.46
C GLU K 467 32.39 -8.64 -14.67
N PRO K 468 33.53 -9.30 -15.00
CA PRO K 468 34.67 -8.98 -14.15
C PRO K 468 35.28 -7.62 -14.46
N GLY K 469 35.57 -6.80 -13.43
CA GLY K 469 36.24 -5.54 -13.64
C GLY K 469 35.29 -4.43 -14.00
N PRO K 470 34.97 -3.50 -13.06
CA PRO K 470 34.14 -2.34 -13.46
C PRO K 470 34.56 -1.58 -14.72
N PRO K 471 35.86 -1.53 -15.07
CA PRO K 471 36.16 -0.88 -16.35
C PRO K 471 35.48 -1.54 -17.54
N TYR K 472 35.33 -2.88 -17.56
CA TYR K 472 34.75 -3.62 -18.69
C TYR K 472 35.61 -3.45 -19.96
N THR K 473 35.02 -3.46 -21.16
CA THR K 473 35.74 -3.28 -22.46
C THR K 473 36.54 -4.48 -22.97
N THR K 474 36.90 -5.44 -22.11
CA THR K 474 37.60 -6.64 -22.58
C THR K 474 36.51 -7.38 -23.32
N ASP K 475 36.87 -8.14 -24.35
CA ASP K 475 35.89 -8.94 -25.08
C ASP K 475 36.20 -10.44 -25.20
N MET K 476 37.44 -10.87 -25.02
CA MET K 476 37.70 -12.31 -25.01
C MET K 476 36.94 -12.92 -23.84
N HIS K 477 36.86 -12.19 -22.74
CA HIS K 477 36.18 -12.70 -21.56
C HIS K 477 34.69 -12.98 -21.83
N LEU K 478 34.06 -12.21 -22.69
CA LEU K 478 32.65 -12.42 -23.02
C LEU K 478 32.40 -13.72 -23.69
N VAL K 479 33.32 -14.18 -24.54
CA VAL K 479 33.03 -15.36 -25.34
C VAL K 479 33.20 -16.56 -24.45
N THR K 480 34.18 -16.48 -23.56
CA THR K 480 34.43 -17.60 -22.68
C THR K 480 33.40 -17.84 -21.61
N ASN K 481 32.85 -16.83 -20.98
CA ASN K 481 31.97 -17.13 -19.86
C ASN K 481 30.54 -17.47 -20.23
N SER K 482 30.28 -17.95 -21.43
CA SER K 482 28.96 -18.39 -21.79
C SER K 482 29.02 -19.58 -22.71
N GLY K 483 28.52 -20.74 -22.29
CA GLY K 483 28.64 -21.93 -23.13
C GLY K 483 28.03 -21.79 -24.53
N LYS K 484 26.93 -21.04 -24.64
CA LYS K 484 26.33 -20.68 -25.94
C LYS K 484 27.31 -19.82 -26.77
N MET K 485 27.95 -18.83 -26.20
CA MET K 485 28.83 -17.97 -27.00
C MET K 485 30.08 -18.72 -27.46
N VAL K 486 30.66 -19.57 -26.62
CA VAL K 486 31.77 -20.41 -27.06
C VAL K 486 31.44 -21.10 -28.39
N VAL K 487 30.25 -21.71 -28.51
CA VAL K 487 29.81 -22.35 -29.75
C VAL K 487 29.53 -21.35 -30.86
N LEU K 488 29.04 -20.15 -30.55
CA LEU K 488 28.63 -19.16 -31.56
C LEU K 488 29.76 -18.68 -32.48
N ASP K 489 31.04 -18.87 -32.14
CA ASP K 489 32.13 -18.67 -33.10
C ASP K 489 32.06 -19.56 -34.36
N LYS K 490 31.13 -20.53 -34.44
CA LYS K 490 30.67 -21.15 -35.70
C LYS K 490 30.23 -20.14 -36.77
N LEU K 491 29.92 -18.90 -36.41
CA LEU K 491 29.74 -17.79 -37.36
C LEU K 491 30.95 -17.59 -38.28
N LEU K 492 32.19 -17.85 -37.83
CA LEU K 492 33.39 -17.65 -38.66
C LEU K 492 33.46 -18.67 -39.82
N PRO K 493 33.29 -20.00 -39.59
CA PRO K 493 33.01 -20.97 -40.64
C PRO K 493 31.92 -20.56 -41.62
N LYS K 494 30.79 -20.07 -41.13
CA LYS K 494 29.69 -19.76 -42.03
C LYS K 494 30.07 -18.63 -42.98
N LEU K 495 30.69 -17.59 -42.47
CA LEU K 495 31.00 -16.44 -43.31
C LEU K 495 31.96 -16.88 -44.41
N LYS K 496 32.96 -17.67 -44.05
CA LYS K 496 33.89 -18.19 -45.06
C LYS K 496 33.21 -19.15 -46.00
N GLU K 497 32.22 -19.93 -45.51
CA GLU K 497 31.48 -20.91 -46.32
C GLU K 497 30.45 -20.19 -47.17
N GLN K 498 30.89 -19.57 -48.27
CA GLN K 498 30.00 -18.80 -49.15
C GLN K 498 29.24 -17.71 -48.35
N GLY K 499 28.19 -17.09 -48.92
CA GLY K 499 27.38 -16.15 -48.18
C GLY K 499 26.28 -16.92 -47.50
N SER K 500 26.56 -17.64 -46.39
CA SER K 500 25.49 -18.31 -45.65
C SER K 500 25.04 -17.21 -44.68
N ARG K 501 24.34 -16.21 -45.19
CA ARG K 501 23.97 -15.06 -44.38
C ARG K 501 23.01 -15.55 -43.33
N VAL K 502 23.11 -15.02 -42.12
CA VAL K 502 22.31 -15.53 -41.01
C VAL K 502 21.34 -14.64 -40.22
N LEU K 503 20.20 -15.18 -39.77
CA LEU K 503 19.28 -14.50 -38.85
C LEU K 503 19.44 -15.08 -37.44
N ILE K 504 19.56 -14.23 -36.42
CA ILE K 504 19.65 -14.66 -35.00
C ILE K 504 18.42 -14.15 -34.24
N PHE K 505 17.66 -15.06 -33.64
CA PHE K 505 16.47 -14.75 -32.87
C PHE K 505 16.70 -14.93 -31.38
N SER K 506 16.20 -13.99 -30.59
CA SER K 506 16.25 -14.02 -29.14
C SER K 506 14.98 -13.49 -28.50
N GLN K 507 14.70 -13.88 -27.27
CA GLN K 507 13.52 -13.45 -26.51
C GLN K 507 13.84 -12.34 -25.50
N MET K 508 15.11 -12.05 -25.24
CA MET K 508 15.56 -11.05 -24.28
C MET K 508 16.28 -9.92 -25.00
N THR K 509 15.89 -8.69 -24.72
CA THR K 509 16.46 -7.49 -25.35
C THR K 509 17.94 -7.32 -25.02
N ARG K 510 18.36 -7.59 -23.78
CA ARG K 510 19.77 -7.49 -23.36
C ARG K 510 20.70 -8.44 -24.13
N VAL K 511 20.23 -9.62 -24.51
CA VAL K 511 21.03 -10.57 -25.25
C VAL K 511 21.39 -10.00 -26.61
N LEU K 512 20.50 -9.32 -27.31
CA LEU K 512 20.87 -8.62 -28.54
C LEU K 512 21.94 -7.56 -28.30
N ASP K 513 21.98 -6.98 -27.10
CA ASP K 513 23.04 -6.02 -26.72
C ASP K 513 24.40 -6.68 -26.71
N ILE K 514 24.51 -7.84 -26.08
CA ILE K 514 25.79 -8.50 -25.91
C ILE K 514 26.17 -9.11 -27.25
N LEU K 515 25.24 -9.64 -28.01
CA LEU K 515 25.56 -10.09 -29.38
C LEU K 515 26.00 -8.94 -30.29
N GLU K 516 25.43 -7.76 -30.12
CA GLU K 516 25.81 -6.59 -30.90
C GLU K 516 27.22 -6.11 -30.53
N ASP K 517 27.58 -6.14 -29.25
CA ASP K 517 28.97 -5.81 -28.83
C ASP K 517 29.93 -6.85 -29.36
N TYR K 518 29.58 -8.13 -29.35
CA TYR K 518 30.40 -9.16 -29.98
C TYR K 518 30.59 -8.91 -31.49
N CYS K 519 29.54 -8.58 -32.24
CA CYS K 519 29.67 -8.31 -33.67
C CYS K 519 30.48 -7.06 -33.97
N MET K 520 30.27 -5.99 -33.20
CA MET K 520 31.08 -4.78 -33.30
C MET K 520 32.55 -5.05 -32.99
N TRP K 521 32.86 -5.81 -31.93
CA TRP K 521 34.22 -6.20 -31.60
C TRP K 521 34.86 -7.11 -32.65
N ARG K 522 34.11 -8.03 -33.28
CA ARG K 522 34.53 -8.81 -34.46
C ARG K 522 34.69 -7.98 -35.74
N ASN K 523 34.17 -6.75 -35.80
CA ASN K 523 34.04 -5.95 -37.04
C ASN K 523 33.17 -6.62 -38.12
N TYR K 524 32.08 -7.30 -37.71
CA TYR K 524 31.15 -7.90 -38.68
C TYR K 524 30.21 -6.85 -39.28
N GLU K 525 29.55 -7.17 -40.40
CA GLU K 525 28.56 -6.27 -41.00
C GLU K 525 27.22 -6.83 -40.54
N TYR K 526 26.33 -6.00 -40.00
CA TYR K 526 25.08 -6.53 -39.42
C TYR K 526 23.91 -5.52 -39.45
N CYS K 527 22.70 -6.01 -39.24
CA CYS K 527 21.47 -5.25 -39.03
C CYS K 527 20.79 -5.69 -37.71
N ARG K 528 19.95 -4.81 -37.13
CA ARG K 528 19.19 -5.19 -35.93
C ARG K 528 17.78 -4.59 -35.92
N LEU K 529 16.75 -5.41 -35.63
CA LEU K 529 15.37 -4.92 -35.53
C LEU K 529 14.90 -5.31 -34.13
N ASP K 530 14.03 -4.52 -33.50
CA ASP K 530 13.64 -4.78 -32.11
C ASP K 530 12.34 -4.04 -31.90
N GLY K 531 11.70 -4.18 -30.76
CA GLY K 531 10.51 -3.43 -30.45
C GLY K 531 10.72 -1.97 -30.17
N GLN K 532 11.92 -1.54 -29.81
CA GLN K 532 12.21 -0.12 -29.64
C GLN K 532 12.30 0.69 -30.95
N THR K 533 12.60 0.02 -32.06
CA THR K 533 12.85 0.70 -33.34
C THR K 533 11.73 1.56 -33.89
N PRO K 534 12.03 2.74 -34.45
CA PRO K 534 10.96 3.51 -35.08
C PRO K 534 10.48 2.91 -36.38
N HIS K 535 9.30 3.26 -36.85
CA HIS K 535 8.71 2.65 -38.04
C HIS K 535 9.48 2.83 -39.31
N ASP K 536 9.96 4.02 -39.54
CA ASP K 536 10.66 4.31 -40.79
C ASP K 536 11.91 3.51 -40.88
N GLU K 537 12.61 3.41 -39.78
CA GLU K 537 13.86 2.69 -39.76
C GLU K 537 13.67 1.24 -40.06
N ARG K 538 12.58 0.65 -39.59
CA ARG K 538 12.43 -0.78 -39.73
C ARG K 538 12.43 -1.21 -41.15
N GLN K 539 11.76 -0.51 -42.03
CA GLN K 539 11.68 -1.01 -43.40
C GLN K 539 12.95 -0.71 -44.14
N ASP K 540 13.67 0.32 -43.73
CA ASP K 540 14.95 0.61 -44.36
C ASP K 540 15.92 -0.50 -44.09
N SER K 541 15.93 -1.00 -42.87
CA SER K 541 16.79 -2.10 -42.53
C SER K 541 16.46 -3.31 -43.33
N ILE K 542 15.19 -3.63 -43.48
CA ILE K 542 14.84 -4.84 -44.18
C ILE K 542 15.28 -4.69 -45.60
N ASN K 543 15.08 -3.53 -46.18
CA ASN K 543 15.47 -3.30 -47.57
C ASN K 543 16.95 -3.39 -47.78
N ALA K 544 17.73 -2.85 -46.86
CA ALA K 544 19.17 -2.84 -47.01
C ALA K 544 19.71 -4.22 -46.90
N TYR K 545 19.17 -5.00 -46.00
CA TYR K 545 19.61 -6.39 -45.92
C TYR K 545 19.20 -7.22 -47.15
N ASN K 546 18.06 -6.95 -47.77
CA ASN K 546 17.60 -7.79 -48.89
C ASN K 546 18.15 -7.42 -50.28
N GLU K 547 18.83 -6.28 -50.41
CA GLU K 547 19.28 -5.85 -51.75
C GLU K 547 20.11 -6.93 -52.49
N PRO K 548 20.05 -7.05 -53.82
CA PRO K 548 20.83 -8.03 -54.58
C PRO K 548 22.36 -7.98 -54.37
N ASN K 549 22.92 -6.81 -54.05
CA ASN K 549 24.35 -6.59 -53.82
C ASN K 549 24.69 -6.26 -52.35
N SER K 550 23.78 -6.57 -51.41
CA SER K 550 23.95 -6.27 -49.98
C SER K 550 25.08 -7.08 -49.32
N THR K 551 25.79 -6.46 -48.40
CA THR K 551 27.01 -7.00 -47.76
C THR K 551 26.84 -7.37 -46.27
N LYS K 552 25.67 -7.09 -45.68
CA LYS K 552 25.36 -7.39 -44.28
C LYS K 552 25.32 -8.90 -44.05
N PHE K 553 26.07 -9.44 -43.09
CA PHE K 553 26.09 -10.89 -42.86
C PHE K 553 25.04 -11.33 -41.84
N VAL K 554 24.96 -10.67 -40.69
CA VAL K 554 24.05 -11.04 -39.58
C VAL K 554 22.85 -10.09 -39.53
N PHE K 555 21.63 -10.62 -39.36
CA PHE K 555 20.48 -9.83 -38.89
C PHE K 555 20.09 -10.33 -37.50
N MET K 556 20.09 -9.45 -36.51
CA MET K 556 19.58 -9.72 -35.17
C MET K 556 18.12 -9.31 -35.12
N LEU K 557 17.23 -10.21 -34.71
CA LEU K 557 15.80 -9.94 -34.62
C LEU K 557 15.31 -10.32 -33.22
N SER K 558 14.62 -9.42 -32.53
CA SER K 558 13.84 -9.82 -31.35
C SER K 558 12.67 -10.71 -31.79
N THR K 559 12.30 -11.72 -31.00
CA THR K 559 11.38 -12.76 -31.52
C THR K 559 9.93 -12.30 -31.60
N ARG K 560 9.51 -11.38 -30.74
CA ARG K 560 8.14 -10.85 -30.79
C ARG K 560 7.94 -9.88 -31.95
N ALA K 561 8.72 -8.81 -32.01
CA ALA K 561 8.55 -7.80 -33.07
C ALA K 561 9.07 -8.29 -34.43
N GLY K 562 10.25 -8.90 -34.48
CA GLY K 562 10.85 -9.35 -35.74
C GLY K 562 10.36 -10.70 -36.26
N GLY K 563 9.69 -11.50 -35.43
CA GLY K 563 9.30 -12.83 -35.84
C GLY K 563 8.05 -12.98 -36.68
N LEU K 564 7.35 -11.88 -37.00
CA LEU K 564 6.07 -11.96 -37.71
C LEU K 564 5.95 -11.10 -38.95
N GLY K 565 5.49 -11.66 -40.06
CA GLY K 565 5.25 -10.91 -41.27
C GLY K 565 6.38 -10.48 -42.17
N ILE K 566 7.47 -9.97 -41.62
CA ILE K 566 8.56 -9.41 -42.45
C ILE K 566 9.09 -10.56 -43.31
N ASN K 567 9.47 -10.31 -44.56
CA ASN K 567 10.01 -11.36 -45.40
C ASN K 567 11.49 -11.12 -45.63
N LEU K 568 12.34 -12.14 -45.49
CA LEU K 568 13.78 -11.99 -45.61
C LEU K 568 14.27 -13.25 -46.31
N ALA K 569 13.95 -13.41 -47.58
CA ALA K 569 14.33 -14.63 -48.32
C ALA K 569 15.82 -14.78 -48.57
N THR K 570 16.56 -13.68 -48.48
CA THR K 570 17.99 -13.71 -48.77
C THR K 570 18.82 -14.62 -47.85
N ALA K 571 18.51 -14.70 -46.55
CA ALA K 571 19.38 -15.49 -45.65
C ALA K 571 19.17 -17.00 -45.73
N ASP K 572 20.23 -17.81 -45.57
CA ASP K 572 20.14 -19.25 -45.72
C ASP K 572 20.06 -19.86 -44.34
N VAL K 573 20.50 -19.16 -43.31
CA VAL K 573 20.55 -19.75 -41.97
C VAL K 573 19.74 -19.06 -40.89
N VAL K 574 19.21 -19.83 -39.94
CA VAL K 574 18.49 -19.32 -38.77
C VAL K 574 19.12 -19.90 -37.51
N ILE K 575 19.35 -19.06 -36.52
CA ILE K 575 19.80 -19.45 -35.18
C ILE K 575 18.73 -19.04 -34.18
N LEU K 576 18.26 -19.99 -33.39
CA LEU K 576 17.41 -19.74 -32.22
C LEU K 576 18.28 -19.82 -30.97
N TYR K 577 18.77 -18.71 -30.43
CA TYR K 577 19.63 -18.71 -29.22
C TYR K 577 18.77 -19.15 -28.06
N ASP K 578 17.53 -18.61 -27.94
CA ASP K 578 16.57 -18.95 -26.86
C ASP K 578 15.54 -19.99 -27.34
N SER K 579 14.67 -20.50 -26.43
CA SER K 579 13.58 -21.44 -26.80
C SER K 579 12.30 -20.93 -26.11
N ASP K 580 11.14 -20.87 -26.80
CA ASP K 580 9.92 -20.27 -26.23
C ASP K 580 8.95 -21.32 -25.67
N TRP K 581 8.14 -20.96 -24.67
CA TRP K 581 7.07 -21.82 -24.14
C TRP K 581 5.98 -22.15 -25.17
N ASN K 582 5.86 -21.33 -26.21
CA ASN K 582 4.88 -21.54 -27.28
C ASN K 582 5.61 -22.06 -28.50
N PRO K 583 5.29 -23.29 -28.95
CA PRO K 583 6.06 -23.75 -30.10
C PRO K 583 5.82 -22.93 -31.32
N GLN K 584 4.61 -22.41 -31.52
CA GLN K 584 4.25 -21.72 -32.76
C GLN K 584 5.00 -20.42 -33.01
N VAL K 585 5.44 -19.76 -31.95
CA VAL K 585 6.19 -18.53 -32.10
C VAL K 585 7.46 -18.81 -32.84
N ASP K 586 8.14 -19.89 -32.48
CA ASP K 586 9.39 -20.24 -33.12
C ASP K 586 9.22 -20.61 -34.55
N LEU K 587 8.16 -21.34 -34.87
CA LEU K 587 7.94 -21.79 -36.23
C LEU K 587 7.87 -20.61 -37.16
N GLN K 588 7.09 -19.60 -36.80
CA GLN K 588 7.01 -18.40 -37.62
C GLN K 588 8.36 -17.78 -37.84
N ALA K 589 9.20 -17.69 -36.83
CA ALA K 589 10.49 -17.03 -37.00
C ALA K 589 11.34 -17.74 -38.02
N MET K 590 11.32 -19.05 -38.01
CA MET K 590 12.06 -19.82 -38.98
C MET K 590 11.58 -19.50 -40.36
N ASP K 591 10.28 -19.29 -40.53
CA ASP K 591 9.72 -19.08 -41.86
C ASP K 591 9.95 -17.71 -42.43
N ARG K 592 10.55 -16.79 -41.68
CA ARG K 592 10.87 -15.50 -42.24
C ARG K 592 11.77 -15.75 -43.45
N ALA K 593 12.60 -16.79 -43.44
CA ALA K 593 13.45 -17.17 -44.58
C ALA K 593 12.90 -18.21 -45.54
N HIS K 594 12.15 -19.20 -45.08
CA HIS K 594 11.71 -20.26 -45.94
C HIS K 594 10.41 -19.81 -46.56
N ARG K 595 10.46 -19.24 -47.77
CA ARG K 595 9.27 -18.67 -48.37
C ARG K 595 9.48 -18.63 -49.85
N ILE K 596 8.46 -18.19 -50.60
CA ILE K 596 8.56 -18.15 -52.06
C ILE K 596 9.71 -17.24 -52.42
N GLY K 597 10.58 -17.65 -53.35
CA GLY K 597 11.75 -16.87 -53.67
C GLY K 597 13.02 -17.28 -52.93
N GLN K 598 12.95 -18.32 -52.10
CA GLN K 598 14.15 -18.83 -51.43
C GLN K 598 14.76 -19.84 -52.37
N THR K 599 15.98 -19.59 -52.86
CA THR K 599 16.61 -20.49 -53.86
C THR K 599 17.35 -21.70 -53.25
N LYS K 600 17.56 -21.74 -51.94
CA LYS K 600 18.50 -22.66 -51.25
C LYS K 600 17.96 -23.25 -49.94
N THR K 601 18.45 -24.42 -49.56
CA THR K 601 18.09 -25.13 -48.31
C THR K 601 18.38 -24.28 -47.07
N VAL K 602 17.40 -24.13 -46.18
CA VAL K 602 17.52 -23.30 -44.98
C VAL K 602 17.83 -24.18 -43.77
N ARG K 603 18.95 -23.85 -43.09
CA ARG K 603 19.39 -24.58 -41.93
C ARG K 603 18.93 -23.87 -40.68
N VAL K 604 18.38 -24.58 -39.71
CA VAL K 604 17.90 -24.06 -38.44
C VAL K 604 18.73 -24.68 -37.32
N PHE K 605 19.44 -23.87 -36.54
CA PHE K 605 20.21 -24.31 -35.38
C PHE K 605 19.55 -23.84 -34.09
N ARG K 606 19.23 -24.74 -33.15
CA ARG K 606 18.65 -24.35 -31.85
C ARG K 606 19.61 -24.68 -30.71
N PHE K 607 20.01 -23.68 -29.92
CA PHE K 607 20.91 -23.92 -28.78
C PHE K 607 20.13 -24.40 -27.54
N ILE K 608 20.63 -25.45 -26.86
CA ILE K 608 20.01 -25.93 -25.61
C ILE K 608 21.11 -26.20 -24.58
N THR K 609 21.12 -25.53 -23.43
CA THR K 609 21.99 -25.93 -22.31
C THR K 609 21.52 -27.25 -21.69
N ASP K 610 22.44 -28.19 -21.50
CA ASP K 610 22.07 -29.61 -21.43
C ASP K 610 21.33 -30.02 -20.15
N ASN K 611 21.90 -29.70 -18.98
CA ASN K 611 21.33 -30.17 -17.68
C ASN K 611 20.71 -29.02 -16.95
N THR K 612 19.73 -28.38 -17.57
CA THR K 612 19.11 -27.20 -16.99
C THR K 612 17.61 -27.11 -17.29
N VAL K 613 16.92 -26.09 -16.78
CA VAL K 613 15.50 -25.82 -17.12
C VAL K 613 15.25 -25.64 -18.63
N GLU K 614 16.24 -25.32 -19.46
CA GLU K 614 16.04 -25.25 -20.92
C GLU K 614 15.61 -26.60 -21.53
N GLU K 615 15.98 -27.74 -20.94
CA GLU K 615 15.42 -29.04 -21.32
C GLU K 615 13.90 -29.07 -21.11
N ARG K 616 13.45 -28.65 -19.93
CA ARG K 616 12.01 -28.72 -19.64
C ARG K 616 11.19 -27.79 -20.51
N ILE K 617 11.77 -26.65 -20.91
CA ILE K 617 11.06 -25.72 -21.79
C ILE K 617 10.89 -26.33 -23.19
N VAL K 618 11.95 -26.96 -23.72
CA VAL K 618 11.88 -27.57 -25.05
C VAL K 618 10.93 -28.77 -25.03
N GLU K 619 10.96 -29.60 -23.99
CA GLU K 619 10.01 -30.71 -23.83
C GLU K 619 8.54 -30.22 -23.77
N ARG K 620 8.27 -29.16 -23.00
CA ARG K 620 6.92 -28.60 -22.95
C ARG K 620 6.44 -28.08 -24.30
N ALA K 621 7.30 -27.40 -25.04
CA ALA K 621 6.93 -26.87 -26.35
C ALA K 621 6.61 -28.03 -27.30
N GLU K 622 7.40 -29.11 -27.25
CA GLU K 622 7.10 -30.27 -28.08
C GLU K 622 5.81 -30.99 -27.67
N MET K 623 5.48 -31.07 -26.38
CA MET K 623 4.18 -31.60 -25.92
C MET K 623 3.01 -30.83 -26.56
N LYS K 624 3.12 -29.50 -26.71
CA LYS K 624 2.12 -28.67 -27.40
C LYS K 624 2.07 -28.89 -28.91
N LEU K 625 3.17 -29.23 -29.57
CA LEU K 625 3.09 -29.54 -31.00
C LEU K 625 2.21 -30.76 -31.27
N ARG K 626 2.29 -31.79 -30.41
CA ARG K 626 1.58 -33.04 -30.67
C ARG K 626 0.08 -32.86 -30.94
N LEU K 627 -0.59 -32.04 -30.14
CA LEU K 627 -2.04 -31.82 -30.28
C LEU K 627 -2.36 -31.02 -31.56
N ASP K 628 -1.45 -30.14 -32.01
CA ASP K 628 -1.67 -29.43 -33.29
C ASP K 628 -1.43 -30.37 -34.45
N SER K 629 -0.24 -31.01 -34.51
CA SER K 629 0.12 -31.96 -35.58
C SER K 629 0.28 -31.35 -36.99
N ILE K 630 0.23 -30.02 -37.12
CA ILE K 630 0.39 -29.36 -38.42
C ILE K 630 -0.55 -30.00 -39.44
N VAL K 631 -1.84 -29.98 -39.14
CA VAL K 631 -2.84 -30.59 -40.03
C VAL K 631 -2.77 -29.95 -41.43
N ILE K 632 -2.64 -30.74 -42.50
CA ILE K 632 -2.65 -30.15 -43.86
C ILE K 632 -3.98 -29.51 -44.25
N GLN K 633 -5.12 -30.12 -43.92
CA GLN K 633 -6.45 -29.58 -44.24
C GLN K 633 -6.66 -29.41 -45.74
N GLN K 634 -7.81 -28.86 -46.14
CA GLN K 634 -8.12 -28.68 -47.56
C GLN K 634 -6.95 -28.09 -48.32
PB ADP L . 2.60 -14.71 -46.44
O1B ADP L . 1.56 -15.77 -46.32
O2B ADP L . 2.16 -13.33 -46.04
O3B ADP L . 3.93 -15.10 -45.90
PA ADP L . 3.59 -13.33 -48.64
O1A ADP L . 2.55 -12.39 -49.16
O2A ADP L . 4.62 -12.80 -47.68
O3A ADP L . 2.84 -14.59 -48.00
O5' ADP L . 4.34 -13.95 -49.91
C5' ADP L . 5.72 -14.24 -49.85
C4' ADP L . 6.45 -13.52 -50.97
O4' ADP L . 6.24 -14.19 -52.21
C3' ADP L . 5.92 -12.11 -51.14
O3' ADP L . 6.98 -11.20 -50.87
C2' ADP L . 5.49 -12.00 -52.58
O2' ADP L . 6.10 -10.87 -53.19
C1' ADP L . 5.96 -13.27 -53.25
N9 ADP L . 4.88 -13.81 -54.09
C8 ADP L . 3.70 -14.26 -53.64
N7 ADP L . 2.93 -14.69 -54.66
C5 ADP L . 3.62 -14.51 -55.79
C6 ADP L . 3.39 -14.76 -57.23
N6 ADP L . 2.23 -15.29 -57.67
N1 ADP L . 4.38 -14.43 -58.09
C2 ADP L . 5.53 -13.90 -57.66
N3 ADP L . 5.81 -13.66 -56.38
C4 ADP L . 4.91 -13.93 -55.41
MG MG M . 1.62 -10.98 -44.27
BE BEF N . 3.13 -15.10 -43.40
F1 BEF N . 4.85 -15.47 -43.25
F2 BEF N . 1.94 -16.39 -43.25
F3 BEF N . 2.59 -13.44 -43.13
#